data_8DPI
#
_entry.id   8DPI
#
_cell.length_a   1.00
_cell.length_b   1.00
_cell.length_c   1.00
_cell.angle_alpha   90.00
_cell.angle_beta   90.00
_cell.angle_gamma   90.00
#
_symmetry.space_group_name_H-M   'P 1'
#
loop_
_entity.id
_entity.type
_entity.pdbx_description
1 polymer '5-hydroxytryptamine receptor 2C'
2 polymer 'G-alpha subunit q (Gi2-mini-Gq chimera)'
3 polymer 'Guanine nucleotide-binding protein G(I)/G(S)/G(T) subunit beta-1'
4 polymer 'Guanine nucleotide-binding protein G(I)/G(S)/G(O) subunit gamma-2'
5 polymer 'Antibody fragment scFv16'
6 non-polymer (1R)-8-chloro-1-methyl-2,3,4,5-tetrahydro-1H-3-benzazepine
7 non-polymer CHOLESTEROL
#
loop_
_entity_poly.entity_id
_entity_poly.type
_entity_poly.pdbx_seq_one_letter_code
_entity_poly.pdbx_strand_id
1 'polypeptide(L)'
;MVNLRNAVHSFLVHLIGLLVWQCDISVSPVAAIVTDIFNTSDGGRFKFPDGVQNWPALSIVIIIIMTIGGNILVIMAVSM
EKKLHNATNYFLMSLAIADMLVGLLVMPLSLLAILYDYVWPLPRYLCPVWISLDVLFSTASIMHLCAISLDRYVAVRSPV
EHSRFNSRTKAIMKIAIVWAISIGVSVPIPVIGLRDEEKVFVNNTTCVLNDPNFVLIGSFVAFFIPLTIMVITYCLTIYV
LRRQALMLLHGHTEEPPGLSLDFLKCCKRNTAEEENSANPNQDQNARRRKKKERRPRGTMQAINNERKASKVLGIVFFVF
LIMWCPFFITNILSVLCEKSCNQKLMEKLLNVFVWIGYVCSGINPLVYTLFNKIYRRAFSNYLRCNYKVEKKPPVRQIPR
VAATALSGRELNVNIYRHTNEPVIEKASDNEPGIEMQVENLELPVNPSSVVSERISSV
;
A
2 'polypeptide(L)'
;MGSTVSAEDKAAAERSKMIDKNLREDGEKARRTLRLLLLGADNSGKSTIVKQMRILHGGSGGSGGTSGIFETKFQVDKVN
FHMFDVGGQRDERRKWIQCFNDVTAIIFVVDSSDYNRLQEALNDFKSIWNNRWLRTISVILFLNKQDLLAEKVLAGKSKI
EDYFPEFARYTTPEDATPEPGEDPRVTRAKYFIRKEFVDISTASGDGRHICYPHFTCAVDTENARRIFNDCKDIILQMNL
REYNLV
;
B
3 'polypeptide(L)'
;MHHHHHHLEVLFQGPGSSGSELDQLRQEAEQLKNQIRDARKACADATLSQITNNIDPVGRIQMRTRRTLRGHLAKIYAMH
WGTDSRLLVSASQDGKLIIWDSYTTNKVHAIPLRSSWVMTCAYAPSGNYVACGGLDNICSIYNLKTREGNVRVSRELAGH
TGYLSCCRFLDDNQIVTSSGDTTCALWDIETGQQTTTFTGHTGDVMSLSLAPDTRLFVSGACDASAKLWDVREGMCRQTF
TGHESDINAICFFPNGNAFATGSDDATCRLFDLRADQELMTYSHDNIICGITSVSFSKSGRLLLAGYDDFNCNVWDALKA
DRAGVLAGHDNRVSCLGVTDDGMAVATGSWDSFLKIWN
;
C
4 'polypeptide(L)' MASNNTASIAQARKLVEQLKMEANIDRIKVSKAAADLMAYCEAHAKEDPLLTPVPASENPFREKKFFCAIL D
5 'polypeptide(L)'
;DVQLVESGGGLVQPGGSRKLSCSASGFAFSSFGMHWVRQAPEKGLEWVAYISSGSGTIYYADTVKGRFTISRDDPKNTLF
LQMTSLRSEDTAMYYCVRSIYYYGSSPFDFWGQGTTLTVSSGGGGSGGGGSGGGGSDIVMTQATSSVPVTPGESVSISCR
SSKSLLHSNGNTYLYWFLQRPGQSPQLLIYRMSNLASGVPDRFSGSGSGTAFTLTISRLEAEDVGVYYCMQHLEYPLTFG
AGTKLELKAAALEVLFQGPHHHHHHHH
;
E
#
loop_
_chem_comp.id
_chem_comp.type
_chem_comp.name
_chem_comp.formula
CLR non-polymer CHOLESTEROL 'C27 H46 O'
T4U non-polymer (1R)-8-chloro-1-methyl-2,3,4,5-tetrahydro-1H-3-benzazepine 'C11 H14 Cl N'
#
# COMPACT_ATOMS: atom_id res chain seq x y z
N SER A 59 6.20 20.82 50.01
CA SER A 59 5.42 19.72 50.56
C SER A 59 4.41 19.21 49.52
N ILE A 60 3.34 19.97 49.34
CA ILE A 60 2.32 19.59 48.36
C ILE A 60 2.83 19.69 46.93
N VAL A 61 3.98 20.33 46.73
CA VAL A 61 4.54 20.50 45.39
C VAL A 61 4.85 19.17 44.71
N ILE A 62 4.83 18.08 45.46
CA ILE A 62 5.11 16.76 44.89
C ILE A 62 4.08 16.42 43.82
N ILE A 63 2.82 16.80 44.03
CA ILE A 63 1.76 16.47 43.07
C ILE A 63 2.01 17.13 41.72
N ILE A 64 2.69 18.28 41.71
CA ILE A 64 3.02 18.92 40.44
C ILE A 64 4.04 18.08 39.67
N ILE A 65 5.07 17.59 40.37
CA ILE A 65 6.09 16.77 39.72
C ILE A 65 5.49 15.49 39.19
N MET A 66 4.61 14.84 39.97
CA MET A 66 3.98 13.61 39.53
C MET A 66 3.10 13.85 38.30
N THR A 67 2.33 14.94 38.30
CA THR A 67 1.48 15.25 37.15
C THR A 67 2.32 15.50 35.91
N ILE A 68 3.39 16.28 36.03
CA ILE A 68 4.25 16.55 34.89
C ILE A 68 4.87 15.27 34.37
N GLY A 69 5.36 14.42 35.27
CA GLY A 69 5.96 13.17 34.84
C GLY A 69 4.97 12.26 34.14
N GLY A 70 3.74 12.18 34.67
CA GLY A 70 2.73 11.34 34.05
C GLY A 70 2.33 11.84 32.68
N ASN A 71 2.19 13.16 32.54
CA ASN A 71 1.85 13.71 31.23
C ASN A 71 2.97 13.48 30.23
N ILE A 72 4.24 13.63 30.67
CA ILE A 72 5.36 13.37 29.79
C ILE A 72 5.38 11.90 29.36
N LEU A 73 5.15 11.00 30.32
CA LEU A 73 5.14 9.57 29.99
C LEU A 73 4.03 9.22 29.01
N VAL A 74 2.84 9.81 29.20
CA VAL A 74 1.73 9.55 28.28
C VAL A 74 2.04 10.09 26.89
N ILE A 75 2.61 11.29 26.82
CA ILE A 75 2.94 11.88 25.52
C ILE A 75 4.00 11.04 24.80
N MET A 76 5.03 10.61 25.54
CA MET A 76 6.10 9.84 24.92
C MET A 76 5.64 8.47 24.46
N ALA A 77 4.71 7.84 25.19
CA ALA A 77 4.29 6.48 24.89
C ALA A 77 3.49 6.35 23.60
N VAL A 78 3.26 7.45 22.87
CA VAL A 78 2.52 7.42 21.63
C VAL A 78 3.45 7.53 20.42
N SER A 79 4.44 8.42 20.48
CA SER A 79 5.34 8.62 19.35
C SER A 79 6.34 7.49 19.23
N MET A 80 7.18 7.31 20.26
CA MET A 80 8.28 6.34 20.15
C MET A 80 7.77 4.91 20.02
N GLU A 81 6.72 4.57 20.76
CA GLU A 81 6.19 3.20 20.70
C GLU A 81 5.61 2.87 19.34
N LYS A 82 4.96 3.84 18.68
CA LYS A 82 4.30 3.66 17.39
C LYS A 82 3.30 2.51 17.43
N LYS A 83 2.88 2.06 16.25
CA LYS A 83 1.88 0.99 16.13
C LYS A 83 0.60 1.33 16.89
N LEU A 84 0.16 2.58 16.76
CA LEU A 84 -0.99 3.09 17.48
C LEU A 84 -1.92 3.81 16.52
N HIS A 85 -3.20 3.42 16.52
CA HIS A 85 -4.19 4.08 15.68
C HIS A 85 -4.33 5.54 16.08
N ASN A 86 -4.31 6.42 15.08
CA ASN A 86 -4.36 7.85 15.36
C ASN A 86 -5.68 8.26 16.01
N ALA A 87 -6.80 7.73 15.52
CA ALA A 87 -8.11 8.22 15.90
C ALA A 87 -8.37 8.09 17.40
N THR A 88 -7.74 7.10 18.05
CA THR A 88 -7.98 6.85 19.47
C THR A 88 -6.81 7.19 20.37
N ASN A 89 -5.61 7.32 19.81
CA ASN A 89 -4.43 7.61 20.61
C ASN A 89 -3.92 9.04 20.48
N TYR A 90 -4.30 9.76 19.42
CA TYR A 90 -3.89 11.15 19.30
C TYR A 90 -4.68 12.05 20.24
N PHE A 91 -5.89 11.65 20.60
CA PHE A 91 -6.68 12.43 21.56
C PHE A 91 -6.07 12.37 22.95
N LEU A 92 -5.49 11.23 23.32
CA LEU A 92 -4.84 11.11 24.62
C LEU A 92 -3.62 12.01 24.71
N MET A 93 -2.90 12.21 23.60
CA MET A 93 -1.80 13.16 23.60
C MET A 93 -2.31 14.58 23.86
N SER A 94 -3.43 14.95 23.25
CA SER A 94 -3.99 16.27 23.49
C SER A 94 -4.41 16.45 24.95
N LEU A 95 -5.04 15.42 25.53
CA LEU A 95 -5.42 15.50 26.94
C LEU A 95 -4.19 15.61 27.84
N ALA A 96 -3.13 14.86 27.51
CA ALA A 96 -1.89 14.95 28.29
C ALA A 96 -1.27 16.33 28.18
N ILE A 97 -1.30 16.92 26.98
CA ILE A 97 -0.76 18.27 26.80
C ILE A 97 -1.55 19.27 27.63
N ALA A 98 -2.88 19.14 27.62
CA ALA A 98 -3.71 20.03 28.43
C ALA A 98 -3.38 19.89 29.91
N ASP A 99 -3.20 18.65 30.39
CA ASP A 99 -2.86 18.43 31.79
C ASP A 99 -1.49 19.01 32.11
N MET A 100 -0.53 18.87 31.20
CA MET A 100 0.80 19.44 31.42
C MET A 100 0.75 20.96 31.50
N LEU A 101 -0.04 21.58 30.63
CA LEU A 101 -0.19 23.02 30.69
C LEU A 101 -0.87 23.45 31.99
N VAL A 102 -1.84 22.66 32.46
CA VAL A 102 -2.44 22.91 33.77
C VAL A 102 -1.35 22.92 34.84
N GLY A 103 -0.55 21.86 34.87
CA GLY A 103 0.47 21.73 35.89
C GLY A 103 1.53 22.81 35.83
N LEU A 104 1.83 23.30 34.62
CA LEU A 104 2.88 24.30 34.46
C LEU A 104 2.40 25.72 34.69
N LEU A 105 1.16 26.05 34.35
CA LEU A 105 0.70 27.43 34.40
C LEU A 105 -0.25 27.73 35.55
N VAL A 106 -0.81 26.73 36.20
CA VAL A 106 -1.80 26.94 37.26
C VAL A 106 -1.24 26.57 38.64
N MET A 107 -0.70 25.36 38.77
CA MET A 107 -0.29 24.87 40.08
C MET A 107 0.79 25.71 40.75
N PRO A 108 1.91 26.06 40.10
CA PRO A 108 2.96 26.80 40.82
C PRO A 108 2.52 28.16 41.34
N LEU A 109 1.53 28.79 40.72
CA LEU A 109 1.14 30.14 41.13
C LEU A 109 0.20 30.17 42.33
N SER A 110 -0.64 29.15 42.49
CA SER A 110 -1.48 29.07 43.68
C SER A 110 -0.65 28.81 44.93
N LEU A 111 0.46 28.06 44.79
CA LEU A 111 1.32 27.81 45.93
C LEU A 111 1.93 29.10 46.46
N LEU A 112 2.27 30.02 45.57
CA LEU A 112 2.76 31.33 46.00
C LEU A 112 1.71 32.06 46.83
N ALA A 113 0.46 32.02 46.39
CA ALA A 113 -0.62 32.65 47.17
C ALA A 113 -0.78 31.98 48.52
N ILE A 114 -0.68 30.65 48.56
CA ILE A 114 -0.77 29.94 49.84
C ILE A 114 0.38 30.36 50.76
N LEU A 115 1.59 30.50 50.21
CA LEU A 115 2.74 30.89 51.02
C LEU A 115 2.59 32.30 51.56
N TYR A 116 2.07 33.23 50.74
CA TYR A 116 1.96 34.62 51.16
C TYR A 116 0.65 34.93 51.86
N ASP A 117 -0.42 34.17 51.57
CA ASP A 117 -1.77 34.48 52.04
C ASP A 117 -2.25 35.83 51.52
N TYR A 118 -1.71 36.25 50.38
CA TYR A 118 -2.05 37.53 49.77
C TYR A 118 -1.89 37.38 48.27
N VAL A 119 -1.83 38.50 47.56
CA VAL A 119 -1.66 38.52 46.11
C VAL A 119 -0.26 39.00 45.77
N TRP A 120 0.43 38.24 44.91
CA TRP A 120 1.76 38.61 44.43
C TRP A 120 2.76 38.71 45.57
N LEU A 126 -1.23 39.39 37.66
CA LEU A 126 -1.29 38.04 38.20
C LEU A 126 -2.68 37.44 38.04
N CYS A 127 -3.60 37.92 38.88
CA CYS A 127 -4.95 37.35 38.96
C CYS A 127 -5.69 37.38 37.63
N PRO A 128 -5.82 38.52 36.93
CA PRO A 128 -6.76 38.59 35.81
C PRO A 128 -6.46 37.66 34.65
N VAL A 129 -5.22 37.19 34.51
CA VAL A 129 -4.89 36.22 33.47
C VAL A 129 -4.71 34.82 34.04
N TRP A 130 -4.25 34.69 35.29
CA TRP A 130 -4.12 33.39 35.92
C TRP A 130 -5.48 32.69 36.04
N ILE A 131 -6.51 33.44 36.46
CA ILE A 131 -7.84 32.86 36.54
C ILE A 131 -8.31 32.39 35.17
N SER A 132 -8.12 33.22 34.14
CA SER A 132 -8.58 32.87 32.80
C SER A 132 -7.88 31.62 32.29
N LEU A 133 -6.56 31.53 32.50
CA LEU A 133 -5.84 30.34 32.05
C LEU A 133 -6.33 29.09 32.77
N ASP A 134 -6.53 29.18 34.09
CA ASP A 134 -7.01 28.02 34.83
C ASP A 134 -8.36 27.57 34.32
N VAL A 135 -9.28 28.52 34.11
CA VAL A 135 -10.62 28.17 33.65
C VAL A 135 -10.56 27.53 32.27
N LEU A 136 -9.79 28.13 31.36
CA LEU A 136 -9.67 27.59 30.00
C LEU A 136 -9.16 26.16 30.02
N PHE A 137 -8.09 25.90 30.76
CA PHE A 137 -7.49 24.57 30.72
C PHE A 137 -8.36 23.53 31.43
N SER A 138 -9.03 23.91 32.52
CA SER A 138 -9.96 22.97 33.16
C SER A 138 -11.11 22.62 32.23
N THR A 139 -11.66 23.62 31.54
CA THR A 139 -12.74 23.34 30.58
C THR A 139 -12.25 22.43 29.46
N ALA A 140 -11.03 22.66 28.97
CA ALA A 140 -10.49 21.80 27.92
C ALA A 140 -10.38 20.36 28.39
N SER A 141 -9.89 20.15 29.62
CA SER A 141 -9.77 18.79 30.14
C SER A 141 -11.13 18.11 30.27
N ILE A 142 -12.12 18.84 30.79
CA ILE A 142 -13.45 18.25 30.97
C ILE A 142 -14.07 17.91 29.62
N MET A 143 -13.89 18.78 28.62
CA MET A 143 -14.41 18.51 27.29
C MET A 143 -13.72 17.29 26.68
N HIS A 144 -12.42 17.13 26.93
CA HIS A 144 -11.74 15.92 26.47
C HIS A 144 -12.35 14.67 27.09
N LEU A 145 -12.64 14.71 28.39
CA LEU A 145 -13.24 13.54 29.04
C LEU A 145 -14.62 13.23 28.47
N CYS A 146 -15.44 14.26 28.27
CA CYS A 146 -16.78 14.05 27.72
C CYS A 146 -16.71 13.50 26.30
N ALA A 147 -15.80 14.02 25.48
CA ALA A 147 -15.64 13.52 24.12
C ALA A 147 -15.20 12.06 24.12
N ILE A 148 -14.29 11.70 25.03
CA ILE A 148 -13.86 10.31 25.13
C ILE A 148 -15.04 9.40 25.51
N SER A 149 -15.87 9.84 26.46
CA SER A 149 -17.02 9.03 26.85
C SER A 149 -17.98 8.83 25.69
N LEU A 150 -18.27 9.91 24.96
CA LEU A 150 -19.17 9.79 23.80
C LEU A 150 -18.57 8.88 22.75
N ASP A 151 -17.26 8.97 22.52
CA ASP A 151 -16.63 8.13 21.50
C ASP A 151 -16.63 6.66 21.91
N ARG A 152 -16.42 6.38 23.21
CA ARG A 152 -16.50 5.00 23.68
C ARG A 152 -17.89 4.44 23.47
N TYR A 153 -18.93 5.23 23.80
CA TYR A 153 -20.29 4.73 23.59
C TYR A 153 -20.55 4.47 22.11
N VAL A 154 -20.13 5.40 21.24
CA VAL A 154 -20.39 5.23 19.82
C VAL A 154 -19.66 3.99 19.29
N ALA A 155 -18.41 3.80 19.71
CA ALA A 155 -17.63 2.66 19.23
C ALA A 155 -18.14 1.33 19.77
N VAL A 156 -18.90 1.26 20.88
CA VAL A 156 -19.30 -0.09 21.45
C VAL A 156 -20.78 -0.40 21.22
N ARG A 157 -21.57 0.55 20.73
CA ARG A 157 -22.97 0.26 20.36
C ARG A 157 -22.94 -0.31 18.96
N SER A 158 -23.39 0.44 17.95
CA SER A 158 -23.22 0.03 16.53
C SER A 158 -21.72 -0.13 16.27
N PRO A 159 -21.11 -1.34 16.12
CA PRO A 159 -19.68 -1.45 16.01
C PRO A 159 -19.18 -1.51 14.57
N VAL A 160 -20.03 -1.89 13.61
CA VAL A 160 -19.50 -2.05 12.22
C VAL A 160 -19.22 -0.66 11.68
N GLU A 161 -20.13 0.27 11.92
CA GLU A 161 -20.03 1.63 11.34
C GLU A 161 -18.86 2.44 11.87
N HIS A 162 -18.65 2.54 13.17
CA HIS A 162 -17.48 3.19 13.77
C HIS A 162 -16.20 2.77 13.05
N SER A 163 -16.06 1.48 12.76
CA SER A 163 -14.87 1.01 12.04
C SER A 163 -14.77 1.65 10.66
N ARG A 164 -15.92 1.76 9.97
CA ARG A 164 -15.91 2.43 8.67
C ARG A 164 -15.56 3.91 8.79
N PHE A 165 -15.98 4.54 9.89
CA PHE A 165 -15.83 5.98 10.05
C PHE A 165 -14.42 6.40 10.46
N ASN A 166 -13.71 5.55 11.21
CA ASN A 166 -12.43 5.91 11.81
C ASN A 166 -11.45 6.48 10.78
N SER A 167 -11.00 7.71 11.02
CA SER A 167 -10.03 8.36 10.16
C SER A 167 -9.44 9.54 10.94
N ARG A 168 -8.38 10.12 10.37
CA ARG A 168 -7.75 11.28 11.00
C ARG A 168 -8.65 12.51 10.98
N THR A 169 -9.62 12.56 10.07
CA THR A 169 -10.53 13.69 9.97
C THR A 169 -11.51 13.74 11.14
N LYS A 170 -11.61 12.69 11.93
CA LYS A 170 -12.40 12.72 13.16
C LYS A 170 -11.57 13.21 14.34
N ALA A 171 -10.32 12.77 14.44
CA ALA A 171 -9.45 13.26 15.50
C ALA A 171 -9.18 14.75 15.35
N ILE A 172 -8.92 15.20 14.11
CA ILE A 172 -8.67 16.62 13.88
C ILE A 172 -9.91 17.44 14.23
N MET A 173 -11.08 16.96 13.80
CA MET A 173 -12.33 17.66 14.09
C MET A 173 -12.57 17.74 15.61
N LYS A 174 -12.36 16.63 16.31
CA LYS A 174 -12.58 16.62 17.75
C LYS A 174 -11.64 17.57 18.47
N ILE A 175 -10.37 17.56 18.08
CA ILE A 175 -9.41 18.46 18.72
C ILE A 175 -9.78 19.92 18.45
N ALA A 176 -10.14 20.24 17.21
CA ALA A 176 -10.54 21.60 16.89
C ALA A 176 -11.77 22.03 17.69
N ILE A 177 -12.77 21.15 17.78
CA ILE A 177 -14.00 21.52 18.48
C ILE A 177 -13.73 21.73 19.97
N VAL A 178 -12.99 20.83 20.60
CA VAL A 178 -12.78 20.94 22.04
C VAL A 178 -11.94 22.18 22.35
N TRP A 179 -10.90 22.45 21.56
CA TRP A 179 -10.07 23.61 21.84
C TRP A 179 -10.78 24.91 21.51
N ALA A 180 -11.71 24.90 20.54
CA ALA A 180 -12.50 26.09 20.27
C ALA A 180 -13.50 26.36 21.40
N ILE A 181 -14.13 25.30 21.93
CA ILE A 181 -15.08 25.49 23.01
C ILE A 181 -14.37 25.92 24.29
N SER A 182 -13.15 25.41 24.52
CA SER A 182 -12.46 25.70 25.78
C SER A 182 -12.14 27.18 25.92
N ILE A 183 -11.82 27.86 24.81
CA ILE A 183 -11.35 29.24 24.89
C ILE A 183 -12.48 30.24 25.06
N GLY A 184 -13.73 29.85 24.80
CA GLY A 184 -14.82 30.80 24.86
C GLY A 184 -15.05 31.38 26.24
N VAL A 185 -14.87 30.57 27.27
CA VAL A 185 -15.21 30.99 28.62
C VAL A 185 -14.12 31.85 29.27
N SER A 186 -12.90 31.87 28.72
CA SER A 186 -11.80 32.58 29.35
C SER A 186 -11.51 33.94 28.74
N VAL A 187 -12.09 34.24 27.57
CA VAL A 187 -11.83 35.54 26.93
C VAL A 187 -12.30 36.72 27.77
N PRO A 188 -13.53 36.76 28.29
CA PRO A 188 -13.97 37.96 29.02
C PRO A 188 -13.36 38.11 30.41
N ILE A 189 -12.65 37.09 30.92
CA ILE A 189 -12.10 37.18 32.27
C ILE A 189 -11.11 38.33 32.43
N PRO A 190 -10.11 38.50 31.54
CA PRO A 190 -9.27 39.71 31.64
C PRO A 190 -9.95 40.97 31.13
N VAL A 191 -10.93 40.84 30.22
CA VAL A 191 -11.61 42.02 29.70
C VAL A 191 -12.36 42.74 30.81
N ILE A 192 -13.13 42.01 31.61
CA ILE A 192 -13.86 42.63 32.72
C ILE A 192 -12.90 42.99 33.85
N GLY A 193 -11.93 42.11 34.13
CA GLY A 193 -11.04 42.34 35.27
C GLY A 193 -10.20 43.60 35.12
N LEU A 194 -9.67 43.85 33.92
CA LEU A 194 -8.82 45.01 33.71
C LEU A 194 -9.59 46.32 33.71
N ARG A 195 -10.91 46.28 33.58
CA ARG A 195 -11.75 47.47 33.64
C ARG A 195 -12.56 47.54 34.93
N ASP A 196 -12.41 46.57 35.83
CA ASP A 196 -13.11 46.58 37.11
C ASP A 196 -12.25 45.81 38.11
N GLU A 197 -11.50 46.56 38.93
CA GLU A 197 -10.62 45.92 39.91
C GLU A 197 -11.41 45.13 40.94
N GLU A 198 -12.58 45.64 41.34
CA GLU A 198 -13.38 44.96 42.35
C GLU A 198 -13.85 43.59 41.88
N LYS A 199 -14.00 43.42 40.56
CA LYS A 199 -14.44 42.14 40.03
C LYS A 199 -13.42 41.03 40.29
N VAL A 200 -12.15 41.39 40.45
CA VAL A 200 -11.10 40.40 40.64
C VAL A 200 -10.41 40.51 41.99
N PHE A 201 -10.48 41.64 42.69
CA PHE A 201 -9.89 41.80 44.01
C PHE A 201 -10.98 42.12 45.02
N VAL A 202 -11.06 41.32 46.07
CA VAL A 202 -12.04 41.49 47.13
C VAL A 202 -11.31 41.60 48.46
N ASN A 203 -11.60 42.67 49.20
CA ASN A 203 -10.99 42.91 50.51
C ASN A 203 -9.46 42.93 50.43
N THR A 206 -6.16 37.77 48.09
CA THR A 206 -7.33 38.59 47.79
C THR A 206 -7.72 38.49 46.32
N CYS A 207 -7.25 37.43 45.67
CA CYS A 207 -7.54 37.16 44.26
C CYS A 207 -8.61 36.07 44.18
N VAL A 208 -9.82 36.46 43.78
CA VAL A 208 -10.94 35.53 43.67
C VAL A 208 -11.99 36.15 42.76
N LEU A 209 -12.58 35.32 41.91
CA LEU A 209 -13.62 35.77 40.99
C LEU A 209 -14.90 35.99 41.78
N ASN A 210 -15.28 37.26 41.96
CA ASN A 210 -16.43 37.61 42.78
C ASN A 210 -17.72 37.76 41.98
N ASP A 211 -17.63 38.08 40.69
CA ASP A 211 -18.81 38.46 39.92
C ASP A 211 -19.76 37.28 39.78
N PRO A 212 -21.01 37.40 40.26
CA PRO A 212 -21.98 36.32 40.04
C PRO A 212 -22.32 36.10 38.57
N ASN A 213 -22.21 37.15 37.74
CA ASN A 213 -22.62 37.06 36.35
C ASN A 213 -21.79 36.06 35.56
N PHE A 214 -20.63 35.66 36.07
CA PHE A 214 -19.80 34.61 35.48
C PHE A 214 -19.89 33.30 36.24
N VAL A 215 -19.88 33.36 37.57
CA VAL A 215 -19.93 32.16 38.39
C VAL A 215 -21.22 31.38 38.14
N LEU A 216 -22.35 32.08 38.04
CA LEU A 216 -23.63 31.43 37.90
C LEU A 216 -24.00 31.11 36.45
N ILE A 217 -23.13 31.43 35.49
CA ILE A 217 -23.40 31.21 34.08
C ILE A 217 -22.41 30.22 33.48
N GLY A 218 -21.10 30.51 33.55
CA GLY A 218 -20.12 29.66 32.91
C GLY A 218 -19.89 28.35 33.62
N SER A 219 -20.19 28.28 34.91
CA SER A 219 -19.97 27.04 35.66
C SER A 219 -20.89 25.93 35.15
N PHE A 220 -22.12 26.26 34.77
CA PHE A 220 -23.03 25.24 34.24
C PHE A 220 -22.48 24.64 32.95
N VAL A 221 -22.01 25.49 32.04
CA VAL A 221 -21.47 25.01 30.77
C VAL A 221 -20.19 24.22 31.01
N ALA A 222 -19.38 24.64 31.98
CA ALA A 222 -18.10 23.99 32.20
C ALA A 222 -18.27 22.61 32.85
N PHE A 223 -19.21 22.48 33.79
CA PHE A 223 -19.29 21.27 34.60
C PHE A 223 -20.60 20.51 34.46
N PHE A 224 -21.74 21.21 34.58
CA PHE A 224 -22.99 20.52 34.88
C PHE A 224 -23.59 19.81 33.68
N ILE A 225 -23.40 20.32 32.47
CA ILE A 225 -23.90 19.64 31.27
C ILE A 225 -23.03 18.43 30.94
N PRO A 226 -21.69 18.54 30.96
CA PRO A 226 -20.87 17.34 30.77
C PRO A 226 -21.17 16.25 31.78
N LEU A 227 -21.54 16.59 33.01
CA LEU A 227 -21.89 15.57 33.99
C LEU A 227 -23.12 14.78 33.55
N THR A 228 -24.15 15.47 33.06
CA THR A 228 -25.33 14.77 32.56
C THR A 228 -24.99 13.90 31.37
N ILE A 229 -24.17 14.42 30.45
CA ILE A 229 -23.79 13.63 29.27
C ILE A 229 -23.02 12.38 29.71
N MET A 230 -22.09 12.53 30.66
CA MET A 230 -21.29 11.40 31.10
C MET A 230 -22.14 10.35 31.81
N VAL A 231 -23.07 10.77 32.67
CA VAL A 231 -23.87 9.77 33.38
C VAL A 231 -24.81 9.04 32.42
N ILE A 232 -25.41 9.77 31.47
CA ILE A 232 -26.29 9.11 30.50
C ILE A 232 -25.48 8.14 29.64
N THR A 233 -24.29 8.56 29.20
CA THR A 233 -23.44 7.69 28.39
C THR A 233 -23.05 6.44 29.16
N TYR A 234 -22.68 6.59 30.43
CA TYR A 234 -22.29 5.44 31.24
C TYR A 234 -23.44 4.46 31.39
N CYS A 235 -24.64 4.97 31.70
CA CYS A 235 -25.79 4.07 31.87
C CYS A 235 -26.09 3.33 30.57
N LEU A 236 -26.11 4.04 29.45
CA LEU A 236 -26.39 3.39 28.17
C LEU A 236 -25.33 2.34 27.83
N THR A 237 -24.05 2.66 28.07
CA THR A 237 -22.98 1.72 27.74
C THR A 237 -23.05 0.48 28.62
N ILE A 238 -23.34 0.66 29.91
CA ILE A 238 -23.48 -0.48 30.80
C ILE A 238 -24.62 -1.38 30.34
N TYR A 239 -25.75 -0.77 29.97
CA TYR A 239 -26.88 -1.58 29.48
C TYR A 239 -26.49 -2.34 28.21
N VAL A 240 -25.81 -1.67 27.28
CA VAL A 240 -25.46 -2.31 26.02
C VAL A 240 -24.51 -3.47 26.25
N LEU A 241 -23.49 -3.28 27.10
CA LEU A 241 -22.56 -4.36 27.38
C LEU A 241 -23.23 -5.51 28.12
N ARG A 242 -24.18 -5.23 29.00
CA ARG A 242 -24.90 -6.31 29.67
C ARG A 242 -25.77 -7.08 28.68
N ARG A 243 -26.38 -6.39 27.73
CA ARG A 243 -27.28 -7.05 26.77
C ARG A 243 -26.52 -7.97 25.83
N GLN A 244 -25.31 -7.57 25.42
CA GLN A 244 -24.57 -8.33 24.41
C GLN A 244 -24.15 -9.70 24.94
N ALA A 245 -23.80 -9.78 26.24
CA ALA A 245 -23.27 -11.02 26.80
C ALA A 245 -24.26 -12.17 26.80
N LEU A 246 -25.56 -11.91 26.61
CA LEU A 246 -26.54 -12.98 26.62
C LEU A 246 -26.46 -13.88 25.39
N MET A 247 -25.75 -13.47 24.34
CA MET A 247 -25.66 -14.27 23.13
C MET A 247 -24.58 -15.33 23.25
N MET A 300 -16.90 -18.79 28.45
CA MET A 300 -16.42 -18.40 27.13
C MET A 300 -15.70 -17.06 27.21
N GLN A 301 -14.60 -16.94 26.46
CA GLN A 301 -13.81 -15.72 26.50
C GLN A 301 -14.59 -14.52 25.97
N ALA A 302 -15.57 -14.76 25.11
CA ALA A 302 -16.36 -13.64 24.57
C ALA A 302 -17.18 -12.95 25.66
N ILE A 303 -17.58 -13.67 26.70
CA ILE A 303 -18.39 -13.09 27.76
C ILE A 303 -17.52 -12.51 28.87
N ASN A 304 -16.39 -13.16 29.17
CA ASN A 304 -15.51 -12.67 30.23
C ASN A 304 -14.93 -11.30 29.91
N ASN A 305 -14.64 -11.04 28.64
CA ASN A 305 -14.04 -9.76 28.26
C ASN A 305 -15.01 -8.60 28.39
N GLU A 306 -16.32 -8.86 28.41
CA GLU A 306 -17.32 -7.80 28.45
C GLU A 306 -17.65 -7.34 29.87
N ARG A 307 -17.00 -7.92 30.89
CA ARG A 307 -17.19 -7.49 32.27
C ARG A 307 -16.07 -6.59 32.76
N LYS A 308 -14.84 -6.85 32.36
CA LYS A 308 -13.73 -5.96 32.70
C LYS A 308 -13.95 -4.56 32.15
N ALA A 309 -14.56 -4.46 30.97
CA ALA A 309 -14.90 -3.15 30.42
C ALA A 309 -15.87 -2.41 31.31
N SER A 310 -16.90 -3.10 31.81
CA SER A 310 -17.85 -2.46 32.73
C SER A 310 -17.16 -2.03 34.01
N LYS A 311 -16.29 -2.87 34.55
CA LYS A 311 -15.55 -2.52 35.76
C LYS A 311 -14.73 -1.25 35.55
N VAL A 312 -13.98 -1.18 34.44
CA VAL A 312 -13.13 -0.02 34.18
C VAL A 312 -13.97 1.23 33.97
N LEU A 313 -15.08 1.11 33.24
CA LEU A 313 -15.95 2.26 33.02
C LEU A 313 -16.49 2.80 34.35
N GLY A 314 -16.94 1.89 35.22
CA GLY A 314 -17.42 2.32 36.53
C GLY A 314 -16.34 3.01 37.34
N ILE A 315 -15.13 2.45 37.34
CA ILE A 315 -14.03 3.04 38.08
C ILE A 315 -13.77 4.46 37.60
N VAL A 316 -13.69 4.65 36.28
CA VAL A 316 -13.37 5.96 35.72
C VAL A 316 -14.46 6.97 36.04
N PHE A 317 -15.73 6.57 35.85
CA PHE A 317 -16.82 7.51 36.11
C PHE A 317 -16.86 7.92 37.57
N PHE A 318 -16.69 6.97 38.49
CA PHE A 318 -16.75 7.32 39.90
C PHE A 318 -15.56 8.16 40.32
N VAL A 319 -14.38 7.91 39.75
CA VAL A 319 -13.22 8.76 40.05
C VAL A 319 -13.50 10.19 39.62
N PHE A 320 -13.99 10.37 38.39
CA PHE A 320 -14.30 11.71 37.89
C PHE A 320 -15.32 12.41 38.79
N LEU A 321 -16.41 11.72 39.10
CA LEU A 321 -17.47 12.33 39.89
C LEU A 321 -16.98 12.73 41.27
N ILE A 322 -16.22 11.84 41.92
CA ILE A 322 -15.74 12.13 43.26
C ILE A 322 -14.77 13.31 43.23
N MET A 323 -13.85 13.34 42.27
CA MET A 323 -12.85 14.39 42.26
C MET A 323 -13.43 15.75 41.90
N TRP A 324 -14.43 15.80 41.02
CA TRP A 324 -14.90 17.08 40.51
C TRP A 324 -16.16 17.60 41.19
N CYS A 325 -16.97 16.75 41.82
CA CYS A 325 -18.27 17.19 42.33
C CYS A 325 -18.21 18.24 43.43
N PRO A 326 -17.46 18.07 44.53
CA PRO A 326 -17.64 18.99 45.67
C PRO A 326 -17.36 20.45 45.37
N PHE A 327 -16.35 20.75 44.54
CA PHE A 327 -15.92 22.13 44.36
C PHE A 327 -17.02 22.99 43.74
N PHE A 328 -17.69 22.48 42.71
CA PHE A 328 -18.72 23.28 42.06
C PHE A 328 -19.94 23.47 42.94
N ILE A 329 -20.29 22.46 43.74
CA ILE A 329 -21.39 22.61 44.69
C ILE A 329 -21.07 23.69 45.71
N THR A 330 -19.84 23.67 46.25
CA THR A 330 -19.45 24.71 47.20
C THR A 330 -19.47 26.09 46.56
N ASN A 331 -19.00 26.18 45.31
CA ASN A 331 -18.93 27.47 44.64
C ASN A 331 -20.32 28.01 44.33
N ILE A 332 -21.28 27.15 44.00
CA ILE A 332 -22.65 27.61 43.78
C ILE A 332 -23.29 28.03 45.11
N LEU A 333 -23.07 27.24 46.17
CA LEU A 333 -23.66 27.58 47.47
C LEU A 333 -23.11 28.88 48.02
N SER A 334 -21.82 29.16 47.80
CA SER A 334 -21.24 30.39 48.31
C SER A 334 -21.83 31.64 47.67
N VAL A 335 -22.56 31.48 46.57
CA VAL A 335 -23.15 32.60 45.85
C VAL A 335 -24.66 32.66 46.07
N LEU A 336 -25.36 31.54 45.86
CA LEU A 336 -26.82 31.55 45.91
C LEU A 336 -27.39 31.37 47.31
N CYS A 337 -26.59 30.96 48.29
CA CYS A 337 -27.07 30.75 49.64
C CYS A 337 -26.67 31.87 50.59
N GLU A 338 -26.15 32.98 50.07
CA GLU A 338 -25.76 34.10 50.92
C GLU A 338 -26.38 35.41 50.43
N CYS A 341 -25.52 31.48 56.16
CA CYS A 341 -24.32 31.03 55.47
C CYS A 341 -23.11 31.86 55.87
N ASN A 342 -22.10 31.21 56.45
CA ASN A 342 -20.89 31.88 56.90
C ASN A 342 -19.89 31.90 55.75
N GLN A 343 -19.55 33.11 55.29
CA GLN A 343 -18.62 33.24 54.18
C GLN A 343 -17.23 32.74 54.56
N LYS A 344 -16.84 32.88 55.83
CA LYS A 344 -15.54 32.40 56.26
C LYS A 344 -15.41 30.89 56.08
N LEU A 345 -16.45 30.14 56.45
CA LEU A 345 -16.43 28.70 56.26
C LEU A 345 -16.40 28.35 54.78
N MET A 346 -17.16 29.09 53.96
CA MET A 346 -17.19 28.80 52.53
C MET A 346 -15.82 29.01 51.90
N GLU A 347 -15.13 30.10 52.24
CA GLU A 347 -13.82 30.33 51.67
C GLU A 347 -12.81 29.33 52.22
N LYS A 348 -12.95 28.94 53.49
CA LYS A 348 -12.06 27.92 54.03
C LYS A 348 -12.23 26.60 53.30
N LEU A 349 -13.47 26.23 52.97
CA LEU A 349 -13.70 25.00 52.22
C LEU A 349 -13.18 25.11 50.80
N LEU A 350 -13.36 26.27 50.16
CA LEU A 350 -12.86 26.45 48.81
C LEU A 350 -11.34 26.42 48.75
N ASN A 351 -10.66 26.83 49.83
CA ASN A 351 -9.21 26.83 49.84
C ASN A 351 -8.63 25.42 49.74
N VAL A 352 -9.41 24.39 50.06
CA VAL A 352 -8.90 23.02 50.06
C VAL A 352 -9.59 22.20 48.99
N PHE A 353 -10.79 22.60 48.58
CA PHE A 353 -11.48 21.86 47.53
C PHE A 353 -10.88 22.14 46.16
N VAL A 354 -10.37 23.34 45.94
CA VAL A 354 -9.84 23.71 44.64
C VAL A 354 -8.60 22.89 44.28
N TRP A 355 -7.85 22.43 45.27
CA TRP A 355 -6.69 21.58 44.99
C TRP A 355 -7.10 20.16 44.61
N ILE A 356 -8.30 19.74 44.99
CA ILE A 356 -8.79 18.43 44.53
C ILE A 356 -9.06 18.46 43.04
N GLY A 357 -9.57 19.59 42.53
CA GLY A 357 -9.69 19.75 41.09
C GLY A 357 -8.36 19.72 40.38
N TYR A 358 -7.31 20.19 41.05
CA TYR A 358 -5.96 20.13 40.46
C TYR A 358 -5.41 18.71 40.48
N VAL A 359 -5.69 17.96 41.56
CA VAL A 359 -5.16 16.61 41.68
C VAL A 359 -5.67 15.71 40.56
N CYS A 360 -6.92 15.89 40.16
CA CYS A 360 -7.47 15.08 39.08
C CYS A 360 -7.06 15.65 37.72
N SER A 361 -5.76 15.86 37.55
CA SER A 361 -5.16 16.20 36.27
C SER A 361 -3.97 15.31 35.93
N GLY A 362 -3.38 14.65 36.93
CA GLY A 362 -2.39 13.62 36.73
C GLY A 362 -2.94 12.22 36.88
N ILE A 363 -4.22 12.07 37.18
CA ILE A 363 -4.85 10.77 37.35
C ILE A 363 -5.57 10.34 36.07
N ASN A 364 -6.28 11.25 35.42
CA ASN A 364 -6.88 10.96 34.12
C ASN A 364 -5.87 10.46 33.09
N PRO A 365 -4.67 11.03 32.96
CA PRO A 365 -3.69 10.44 32.04
C PRO A 365 -3.26 9.03 32.41
N LEU A 366 -3.45 8.62 33.67
CA LEU A 366 -3.11 7.27 34.08
C LEU A 366 -4.29 6.31 33.93
N VAL A 367 -5.42 6.63 34.57
CA VAL A 367 -6.55 5.71 34.62
C VAL A 367 -7.08 5.38 33.23
N TYR A 368 -6.80 6.22 32.25
CA TYR A 368 -7.14 5.93 30.86
C TYR A 368 -6.04 5.17 30.12
N THR A 369 -4.92 4.87 30.79
CA THR A 369 -3.76 4.32 30.10
C THR A 369 -3.34 2.94 30.59
N LEU A 370 -3.20 2.73 31.89
CA LEU A 370 -2.53 1.52 32.38
C LEU A 370 -3.49 0.33 32.49
N PHE A 371 -4.23 0.07 31.40
CA PHE A 371 -5.04 -1.14 31.31
C PHE A 371 -4.77 -1.96 30.05
N ASN A 372 -4.11 -1.39 29.05
CA ASN A 372 -3.60 -2.15 27.92
C ASN A 372 -2.17 -2.59 28.22
N LYS A 373 -1.88 -3.87 27.98
CA LYS A 373 -0.56 -4.42 28.30
C LYS A 373 0.55 -3.69 27.55
N ILE A 374 0.25 -3.15 26.36
CA ILE A 374 1.26 -2.44 25.60
C ILE A 374 1.73 -1.20 26.36
N TYR A 375 0.79 -0.44 26.92
CA TYR A 375 1.17 0.74 27.68
C TYR A 375 1.96 0.38 28.93
N ARG A 376 1.56 -0.70 29.61
CA ARG A 376 2.30 -1.13 30.79
C ARG A 376 3.74 -1.50 30.43
N ARG A 377 3.92 -2.24 29.34
CA ARG A 377 5.27 -2.61 28.92
C ARG A 377 6.09 -1.38 28.54
N ALA A 378 5.48 -0.44 27.81
CA ALA A 378 6.19 0.76 27.41
C ALA A 378 6.60 1.61 28.62
N PHE A 379 5.70 1.72 29.61
CA PHE A 379 6.03 2.48 30.81
C PHE A 379 7.10 1.78 31.63
N SER A 380 7.05 0.45 31.71
CA SER A 380 8.07 -0.28 32.45
C SER A 380 9.45 -0.12 31.80
N ASN A 381 9.50 -0.20 30.47
CA ASN A 381 10.79 -0.11 29.80
C ASN A 381 11.32 1.32 29.76
N TYR A 382 10.46 2.30 29.54
CA TYR A 382 10.91 3.68 29.46
C TYR A 382 11.35 4.20 30.83
N LEU A 383 10.57 3.91 31.86
CA LEU A 383 10.88 4.38 33.20
C LEU A 383 11.75 3.37 33.94
N VAL B 5 10.29 24.77 -12.99
CA VAL B 5 10.27 23.53 -13.75
C VAL B 5 9.55 23.74 -15.07
N SER B 6 9.80 22.84 -16.03
CA SER B 6 9.21 22.97 -17.35
C SER B 6 7.70 22.67 -17.32
N ALA B 7 7.02 23.13 -18.36
CA ALA B 7 5.56 22.97 -18.43
C ALA B 7 5.15 21.51 -18.46
N GLU B 8 5.93 20.66 -19.14
CA GLU B 8 5.61 19.24 -19.19
C GLU B 8 5.70 18.59 -17.82
N ASP B 9 6.63 19.04 -16.98
CA ASP B 9 6.69 18.51 -15.62
C ASP B 9 5.48 18.93 -14.80
N LYS B 10 4.97 20.14 -15.01
CA LYS B 10 3.74 20.56 -14.34
C LYS B 10 2.55 19.74 -14.80
N ALA B 11 2.46 19.47 -16.10
CA ALA B 11 1.37 18.62 -16.60
C ALA B 11 1.50 17.21 -16.06
N ALA B 12 2.71 16.68 -15.98
CA ALA B 12 2.92 15.35 -15.39
C ALA B 12 2.52 15.34 -13.92
N ALA B 13 2.82 16.41 -13.19
CA ALA B 13 2.38 16.51 -11.80
C ALA B 13 0.86 16.52 -11.71
N GLU B 14 0.19 17.22 -12.62
CA GLU B 14 -1.27 17.23 -12.61
C GLU B 14 -1.83 15.84 -12.90
N ARG B 15 -1.23 15.13 -13.86
CA ARG B 15 -1.67 13.77 -14.14
C ARG B 15 -1.45 12.86 -12.94
N SER B 16 -0.31 13.02 -12.25
CA SER B 16 -0.04 12.22 -11.07
C SER B 16 -1.05 12.52 -9.95
N LYS B 17 -1.41 13.79 -9.79
CA LYS B 17 -2.41 14.16 -8.79
C LYS B 17 -3.78 13.56 -9.12
N MET B 18 -4.16 13.58 -10.40
CA MET B 18 -5.42 12.96 -10.79
C MET B 18 -5.40 11.46 -10.54
N ILE B 19 -4.28 10.81 -10.83
CA ILE B 19 -4.16 9.37 -10.58
C ILE B 19 -4.25 9.08 -9.08
N ASP B 20 -3.60 9.91 -8.27
CA ASP B 20 -3.69 9.74 -6.82
C ASP B 20 -5.14 9.89 -6.34
N LYS B 21 -5.85 10.88 -6.88
CA LYS B 21 -7.26 11.07 -6.52
C LYS B 21 -8.09 9.86 -6.89
N ASN B 22 -7.87 9.32 -8.09
CA ASN B 22 -8.63 8.16 -8.54
C ASN B 22 -8.32 6.93 -7.71
N LEU B 23 -7.07 6.77 -7.28
CA LEU B 23 -6.74 5.69 -6.36
C LEU B 23 -7.44 5.88 -5.01
N ARG B 24 -7.45 7.11 -4.51
CA ARG B 24 -8.05 7.39 -3.20
C ARG B 24 -9.56 7.14 -3.23
N GLU B 25 -10.22 7.48 -4.32
CA GLU B 25 -11.67 7.30 -4.41
C GLU B 25 -12.05 5.83 -4.38
N ASP B 26 -11.28 4.98 -5.07
CA ASP B 26 -11.64 3.57 -5.18
C ASP B 26 -11.54 2.84 -3.85
N GLY B 27 -10.65 3.30 -2.95
CA GLY B 27 -10.45 2.60 -1.69
C GLY B 27 -11.65 2.67 -0.77
N GLU B 28 -12.51 3.68 -0.95
CA GLU B 28 -13.67 3.81 -0.08
C GLU B 28 -14.62 2.64 -0.24
N LYS B 29 -14.84 2.19 -1.47
CA LYS B 29 -15.76 1.08 -1.71
C LYS B 29 -15.19 -0.25 -1.22
N ALA B 30 -13.86 -0.41 -1.27
CA ALA B 30 -13.26 -1.67 -0.88
C ALA B 30 -13.45 -1.96 0.60
N ARG B 31 -13.34 -0.93 1.44
CA ARG B 31 -13.38 -1.12 2.88
C ARG B 31 -14.77 -1.47 3.41
N ARG B 32 -15.80 -1.38 2.59
CA ARG B 32 -17.17 -1.63 3.03
C ARG B 32 -17.62 -3.07 2.82
N THR B 33 -16.75 -3.95 2.35
CA THR B 33 -17.07 -5.35 2.15
C THR B 33 -16.21 -6.20 3.09
N LEU B 34 -16.86 -7.14 3.79
CA LEU B 34 -16.16 -8.05 4.69
C LEU B 34 -15.82 -9.35 3.96
N ARG B 35 -14.61 -9.85 4.19
CA ARG B 35 -14.06 -10.98 3.46
C ARG B 35 -13.97 -12.21 4.35
N LEU B 36 -14.35 -13.36 3.79
CA LEU B 36 -14.37 -14.63 4.51
C LEU B 36 -13.66 -15.71 3.70
N LEU B 37 -13.02 -16.63 4.41
CA LEU B 37 -12.34 -17.77 3.80
C LEU B 37 -13.05 -19.06 4.21
N LEU B 38 -13.26 -19.95 3.25
CA LEU B 38 -13.97 -21.21 3.47
C LEU B 38 -13.00 -22.37 3.27
N LEU B 39 -12.85 -23.19 4.30
CA LEU B 39 -12.02 -24.39 4.26
C LEU B 39 -12.82 -25.60 4.72
N GLY B 40 -12.47 -26.76 4.19
CA GLY B 40 -13.13 -27.98 4.57
C GLY B 40 -12.75 -29.13 3.66
N ALA B 41 -13.06 -30.33 4.12
CA ALA B 41 -12.75 -31.55 3.38
C ALA B 41 -13.93 -31.98 2.53
N ASP B 42 -13.70 -32.99 1.70
CA ASP B 42 -14.74 -33.52 0.84
C ASP B 42 -15.85 -34.16 1.67
N ASN B 43 -17.05 -34.17 1.11
CA ASN B 43 -18.28 -34.71 1.70
C ASN B 43 -18.80 -33.86 2.87
N SER B 44 -18.15 -32.74 3.18
CA SER B 44 -18.56 -31.92 4.31
C SER B 44 -19.76 -31.03 4.00
N GLY B 45 -20.05 -30.76 2.73
CA GLY B 45 -21.17 -29.92 2.38
C GLY B 45 -20.83 -28.43 2.41
N LYS B 46 -19.61 -28.10 1.95
CA LYS B 46 -19.18 -26.71 1.97
C LYS B 46 -20.08 -25.81 1.12
N SER B 47 -20.47 -26.29 -0.06
CA SER B 47 -21.19 -25.46 -1.02
C SER B 47 -22.61 -25.12 -0.59
N THR B 48 -23.13 -25.76 0.46
CA THR B 48 -24.52 -25.59 0.84
C THR B 48 -24.71 -24.88 2.17
N ILE B 49 -23.62 -24.43 2.81
CA ILE B 49 -23.74 -23.73 4.08
C ILE B 49 -24.46 -22.39 3.94
N VAL B 50 -24.36 -21.75 2.78
CA VAL B 50 -24.95 -20.44 2.55
C VAL B 50 -25.90 -20.45 1.35
N LYS B 51 -26.44 -21.61 1.01
CA LYS B 51 -27.34 -21.71 -0.13
C LYS B 51 -28.78 -21.92 0.32
N GLY B 68 -9.72 -21.10 -10.60
CA GLY B 68 -8.83 -21.31 -9.47
C GLY B 68 -9.51 -21.07 -8.13
N ILE B 69 -10.20 -19.94 -8.03
CA ILE B 69 -10.90 -19.55 -6.82
C ILE B 69 -12.37 -19.38 -7.14
N PHE B 70 -13.23 -20.02 -6.35
CA PHE B 70 -14.67 -19.84 -6.47
C PHE B 70 -15.12 -18.76 -5.50
N GLU B 71 -16.05 -17.92 -5.96
CA GLU B 71 -16.49 -16.77 -5.19
C GLU B 71 -18.01 -16.72 -5.12
N THR B 72 -18.52 -16.12 -4.04
CA THR B 72 -19.94 -15.92 -3.85
C THR B 72 -20.15 -14.63 -3.07
N LYS B 73 -21.33 -14.04 -3.23
CA LYS B 73 -21.68 -12.81 -2.54
C LYS B 73 -23.07 -12.91 -1.93
N PHE B 74 -23.23 -12.32 -0.74
CA PHE B 74 -24.51 -12.26 -0.07
C PHE B 74 -24.52 -11.06 0.85
N GLN B 75 -25.71 -10.60 1.19
CA GLN B 75 -25.88 -9.40 2.02
C GLN B 75 -26.95 -9.65 3.07
N VAL B 76 -26.65 -9.27 4.31
CA VAL B 76 -27.59 -9.34 5.42
C VAL B 76 -27.59 -8.00 6.15
N ASP B 77 -28.76 -7.39 6.26
CA ASP B 77 -28.95 -6.16 7.02
C ASP B 77 -28.00 -5.05 6.55
N LYS B 78 -27.95 -4.86 5.23
CA LYS B 78 -27.21 -3.78 4.59
C LYS B 78 -25.70 -3.90 4.77
N VAL B 79 -25.19 -5.10 5.06
CA VAL B 79 -23.77 -5.35 5.15
C VAL B 79 -23.41 -6.44 4.14
N ASN B 80 -22.44 -6.15 3.29
CA ASN B 80 -22.03 -7.07 2.23
C ASN B 80 -20.91 -7.99 2.70
N PHE B 81 -20.97 -9.25 2.26
CA PHE B 81 -19.95 -10.24 2.56
C PHE B 81 -19.44 -10.86 1.27
N HIS B 82 -18.16 -11.24 1.27
CA HIS B 82 -17.50 -11.84 0.12
C HIS B 82 -16.71 -13.05 0.58
N MET B 83 -17.08 -14.23 0.08
CA MET B 83 -16.51 -15.49 0.54
C MET B 83 -15.68 -16.13 -0.57
N PHE B 84 -14.49 -16.59 -0.21
CA PHE B 84 -13.56 -17.20 -1.17
C PHE B 84 -13.43 -18.68 -0.87
N ASP B 85 -13.41 -19.48 -1.94
CA ASP B 85 -13.20 -20.93 -1.84
C ASP B 85 -12.05 -21.31 -2.77
N VAL B 86 -10.89 -21.59 -2.19
CA VAL B 86 -9.72 -21.94 -2.97
C VAL B 86 -9.75 -23.44 -3.27
N GLY B 87 -9.62 -23.77 -4.56
CA GLY B 87 -9.66 -25.16 -4.97
C GLY B 87 -11.06 -25.73 -4.98
N ARG B 93 -1.95 -26.02 0.70
CA ARG B 93 -2.48 -25.13 1.73
C ARG B 93 -1.35 -24.53 2.56
N ARG B 94 -0.15 -25.07 2.39
CA ARG B 94 0.99 -24.60 3.16
C ARG B 94 1.48 -23.24 2.69
N LYS B 95 1.22 -22.87 1.44
CA LYS B 95 1.75 -21.64 0.87
C LYS B 95 0.70 -20.58 0.58
N TRP B 96 -0.40 -20.93 -0.09
CA TRP B 96 -1.38 -19.91 -0.46
C TRP B 96 -2.21 -19.43 0.73
N ILE B 97 -2.09 -20.06 1.90
CA ILE B 97 -2.79 -19.57 3.07
C ILE B 97 -2.20 -18.26 3.58
N GLN B 98 -0.98 -17.92 3.17
CA GLN B 98 -0.35 -16.69 3.65
C GLN B 98 -1.06 -15.44 3.17
N CYS B 99 -1.77 -15.52 2.04
CA CYS B 99 -2.42 -14.35 1.47
C CYS B 99 -3.81 -14.10 2.03
N PHE B 100 -4.26 -14.89 3.00
CA PHE B 100 -5.56 -14.72 3.63
C PHE B 100 -5.44 -14.31 5.10
N ASN B 101 -4.43 -13.53 5.44
CA ASN B 101 -4.20 -13.11 6.82
C ASN B 101 -4.90 -11.81 7.18
N ASP B 102 -5.68 -11.25 6.25
CA ASP B 102 -6.44 -10.02 6.51
C ASP B 102 -7.94 -10.27 6.56
N VAL B 103 -8.37 -11.52 6.50
CA VAL B 103 -9.81 -11.81 6.48
C VAL B 103 -10.39 -11.66 7.87
N THR B 104 -11.69 -11.37 7.92
CA THR B 104 -12.37 -11.20 9.20
C THR B 104 -12.50 -12.53 9.94
N ALA B 105 -12.90 -13.59 9.25
CA ALA B 105 -13.18 -14.86 9.92
C ALA B 105 -13.01 -16.01 8.93
N ILE B 106 -12.81 -17.20 9.49
CA ILE B 106 -12.64 -18.44 8.73
C ILE B 106 -13.82 -19.35 9.05
N ILE B 107 -14.35 -20.02 8.02
CA ILE B 107 -15.45 -20.95 8.16
C ILE B 107 -14.92 -22.36 7.92
N PHE B 108 -15.13 -23.25 8.88
CA PHE B 108 -14.64 -24.62 8.82
C PHE B 108 -15.83 -25.56 8.97
N VAL B 109 -15.95 -26.52 8.05
CA VAL B 109 -17.09 -27.42 8.00
C VAL B 109 -16.60 -28.85 8.18
N VAL B 110 -17.23 -29.58 9.10
CA VAL B 110 -16.89 -30.97 9.40
C VAL B 110 -18.16 -31.80 9.35
N ASP B 111 -18.05 -33.00 8.78
CA ASP B 111 -19.16 -33.94 8.75
C ASP B 111 -19.23 -34.69 10.07
N SER B 112 -20.34 -34.56 10.78
CA SER B 112 -20.52 -35.15 12.11
C SER B 112 -21.23 -36.50 12.08
N SER B 113 -21.39 -37.11 10.90
CA SER B 113 -22.06 -38.39 10.77
C SER B 113 -21.17 -39.40 10.04
N ASP B 114 -19.87 -39.36 10.33
CA ASP B 114 -18.93 -40.32 9.76
C ASP B 114 -17.80 -40.49 10.77
N TYR B 115 -17.87 -41.56 11.57
CA TYR B 115 -16.93 -41.73 12.67
C TYR B 115 -15.54 -42.10 12.17
N ASN B 116 -15.44 -42.70 10.99
CA ASN B 116 -14.15 -43.17 10.51
C ASN B 116 -13.19 -42.02 10.22
N ARG B 117 -13.72 -40.84 9.88
CA ARG B 117 -12.90 -39.74 9.39
C ARG B 117 -12.90 -38.54 10.33
N LEU B 118 -13.30 -38.73 11.59
CA LEU B 118 -13.30 -37.60 12.52
C LEU B 118 -11.90 -37.24 12.99
N GLN B 119 -10.99 -38.22 13.06
CA GLN B 119 -9.62 -37.92 13.48
C GLN B 119 -8.90 -37.07 12.44
N GLU B 120 -9.16 -37.32 11.15
CA GLU B 120 -8.59 -36.47 10.11
C GLU B 120 -9.08 -35.03 10.24
N ALA B 121 -10.38 -34.87 10.52
CA ALA B 121 -10.93 -33.53 10.72
C ALA B 121 -10.30 -32.85 11.93
N LEU B 122 -10.10 -33.61 13.01
CA LEU B 122 -9.47 -33.04 14.20
C LEU B 122 -8.04 -32.60 13.91
N ASN B 123 -7.30 -33.42 13.16
CA ASN B 123 -5.93 -33.04 12.79
C ASN B 123 -5.92 -31.80 11.91
N ASP B 124 -6.87 -31.70 10.97
CA ASP B 124 -6.96 -30.53 10.12
C ASP B 124 -7.29 -29.28 10.93
N PHE B 125 -8.21 -29.39 11.88
CA PHE B 125 -8.55 -28.27 12.74
C PHE B 125 -7.35 -27.84 13.58
N LYS B 126 -6.59 -28.81 14.10
CA LYS B 126 -5.40 -28.47 14.87
C LYS B 126 -4.36 -27.78 13.99
N SER B 127 -4.24 -28.21 12.73
CA SER B 127 -3.26 -27.60 11.83
C SER B 127 -3.67 -26.20 11.41
N ILE B 128 -4.97 -25.93 11.33
CA ILE B 128 -5.44 -24.59 10.96
C ILE B 128 -5.40 -23.64 12.14
N TRP B 129 -5.78 -24.13 13.33
CA TRP B 129 -5.87 -23.27 14.51
C TRP B 129 -4.51 -22.74 14.92
N ASN B 130 -3.46 -23.55 14.82
CA ASN B 130 -2.13 -23.19 15.31
C ASN B 130 -1.23 -22.62 14.24
N ASN B 131 -1.79 -22.23 13.08
CA ASN B 131 -0.98 -21.67 12.02
C ASN B 131 -0.47 -20.28 12.41
N ARG B 132 0.80 -20.01 12.11
CA ARG B 132 1.42 -18.77 12.54
C ARG B 132 0.89 -17.54 11.81
N TRP B 133 0.35 -17.71 10.60
CA TRP B 133 -0.17 -16.59 9.84
C TRP B 133 -1.63 -16.29 10.13
N LEU B 134 -2.32 -17.15 10.89
CA LEU B 134 -3.71 -16.94 11.26
C LEU B 134 -3.89 -16.75 12.76
N ARG B 135 -2.86 -16.27 13.44
CA ARG B 135 -2.87 -16.16 14.90
C ARG B 135 -3.84 -15.11 15.42
N THR B 136 -4.39 -14.26 14.55
CA THR B 136 -5.30 -13.19 14.97
C THR B 136 -6.66 -13.29 14.31
N ILE B 137 -7.01 -14.46 13.76
CA ILE B 137 -8.27 -14.65 13.06
C ILE B 137 -9.12 -15.65 13.83
N SER B 138 -10.37 -15.27 14.10
CA SER B 138 -11.32 -16.15 14.74
C SER B 138 -11.85 -17.17 13.72
N VAL B 139 -12.40 -18.27 14.24
CA VAL B 139 -12.87 -19.38 13.44
C VAL B 139 -14.34 -19.63 13.76
N ILE B 140 -15.16 -19.75 12.73
CA ILE B 140 -16.53 -20.20 12.86
C ILE B 140 -16.56 -21.66 12.44
N LEU B 141 -16.93 -22.54 13.37
CA LEU B 141 -16.89 -23.98 13.15
C LEU B 141 -18.31 -24.49 12.94
N PHE B 142 -18.54 -25.14 11.82
CA PHE B 142 -19.84 -25.70 11.47
C PHE B 142 -19.77 -27.22 11.56
N LEU B 143 -20.62 -27.81 12.41
CA LEU B 143 -20.79 -29.24 12.49
C LEU B 143 -22.07 -29.59 11.75
N ASN B 144 -21.93 -30.22 10.58
CA ASN B 144 -23.03 -30.41 9.66
C ASN B 144 -23.64 -31.80 9.81
N LYS B 145 -24.80 -31.98 9.17
CA LYS B 145 -25.47 -33.27 9.06
C LYS B 145 -25.77 -33.89 10.44
N GLN B 146 -26.57 -33.17 11.22
CA GLN B 146 -27.00 -33.68 12.51
C GLN B 146 -28.08 -34.75 12.38
N ASP B 147 -28.92 -34.66 11.35
CA ASP B 147 -30.00 -35.63 11.19
C ASP B 147 -29.46 -37.03 10.94
N LEU B 148 -28.41 -37.14 10.11
CA LEU B 148 -27.82 -38.45 9.86
C LEU B 148 -27.19 -39.04 11.12
N LEU B 149 -26.53 -38.20 11.90
CA LEU B 149 -25.95 -38.67 13.17
C LEU B 149 -27.04 -39.15 14.11
N ALA B 150 -28.14 -38.40 14.22
CA ALA B 150 -29.24 -38.81 15.09
C ALA B 150 -29.84 -40.13 14.63
N GLU B 151 -30.03 -40.28 13.32
CA GLU B 151 -30.59 -41.52 12.79
C GLU B 151 -29.66 -42.70 13.06
N LYS B 152 -28.34 -42.49 12.90
CA LYS B 152 -27.40 -43.58 13.17
C LYS B 152 -27.37 -43.95 14.64
N VAL B 153 -27.47 -42.96 15.53
CA VAL B 153 -27.49 -43.27 16.96
C VAL B 153 -28.76 -44.02 17.33
N LEU B 154 -29.90 -43.62 16.77
CA LEU B 154 -31.15 -44.31 17.07
C LEU B 154 -31.15 -45.72 16.51
N ALA B 155 -30.56 -45.92 15.33
CA ALA B 155 -30.52 -47.25 14.73
C ALA B 155 -29.70 -48.22 15.57
N GLY B 156 -28.56 -47.75 16.09
CA GLY B 156 -27.74 -48.59 16.95
C GLY B 156 -26.94 -49.65 16.25
N LYS B 157 -26.70 -49.51 14.94
CA LYS B 157 -25.90 -50.47 14.20
C LYS B 157 -24.40 -50.17 14.27
N SER B 158 -24.01 -49.05 14.85
CA SER B 158 -22.61 -48.70 15.01
C SER B 158 -22.47 -47.86 16.28
N LYS B 159 -21.43 -48.13 17.05
CA LYS B 159 -21.22 -47.47 18.33
C LYS B 159 -19.97 -46.60 18.29
N ILE B 160 -20.06 -45.44 18.94
CA ILE B 160 -18.93 -44.51 18.96
C ILE B 160 -17.76 -45.12 19.73
N GLU B 161 -18.05 -45.94 20.74
CA GLU B 161 -17.00 -46.59 21.51
C GLU B 161 -16.12 -47.51 20.66
N ASP B 162 -16.61 -47.93 19.49
CA ASP B 162 -15.78 -48.74 18.59
C ASP B 162 -14.58 -47.96 18.06
N TYR B 163 -14.65 -46.63 18.06
CA TYR B 163 -13.53 -45.80 17.65
C TYR B 163 -13.01 -44.89 18.76
N PHE B 164 -13.87 -44.51 19.72
CA PHE B 164 -13.49 -43.63 20.82
C PHE B 164 -13.77 -44.35 22.14
N PRO B 165 -12.75 -44.94 22.76
CA PRO B 165 -12.98 -45.66 24.03
C PRO B 165 -13.49 -44.77 25.15
N GLU B 166 -13.08 -43.50 25.18
CA GLU B 166 -13.42 -42.62 26.30
C GLU B 166 -14.90 -42.24 26.34
N PHE B 167 -15.66 -42.50 25.28
CA PHE B 167 -17.07 -42.11 25.25
C PHE B 167 -17.92 -42.90 26.24
N ALA B 168 -17.51 -44.12 26.59
CA ALA B 168 -18.27 -44.93 27.54
C ALA B 168 -18.29 -44.31 28.94
N ARG B 169 -17.31 -43.47 29.26
CA ARG B 169 -17.23 -42.85 30.57
C ARG B 169 -17.75 -41.41 30.57
N TYR B 170 -18.29 -40.95 29.44
CA TYR B 170 -18.79 -39.59 29.32
C TYR B 170 -20.24 -39.53 29.75
N THR B 171 -20.59 -38.47 30.47
CA THR B 171 -21.96 -38.24 30.94
C THR B 171 -22.41 -36.87 30.49
N THR B 172 -23.72 -36.74 30.23
CA THR B 172 -24.27 -35.46 29.81
C THR B 172 -24.14 -34.44 30.94
N PRO B 173 -23.62 -33.25 30.67
CA PRO B 173 -23.49 -32.25 31.74
C PRO B 173 -24.86 -31.77 32.23
N GLU B 174 -24.88 -31.38 33.51
CA GLU B 174 -26.13 -30.93 34.12
C GLU B 174 -26.62 -29.60 33.59
N ASP B 175 -25.75 -28.85 32.90
CA ASP B 175 -26.11 -27.55 32.33
C ASP B 175 -26.51 -27.65 30.87
N ALA B 176 -26.72 -28.87 30.36
CA ALA B 176 -27.14 -29.04 28.98
C ALA B 176 -28.53 -28.45 28.76
N THR B 177 -28.77 -27.95 27.55
CA THR B 177 -30.05 -27.40 27.15
C THR B 177 -30.51 -28.08 25.87
N PRO B 178 -30.95 -29.33 25.94
CA PRO B 178 -31.41 -30.03 24.73
C PRO B 178 -32.69 -29.40 24.18
N GLU B 179 -32.86 -29.52 22.88
CA GLU B 179 -34.11 -29.10 22.25
C GLU B 179 -35.25 -30.00 22.73
N PRO B 180 -36.43 -29.43 22.98
CA PRO B 180 -37.55 -30.27 23.44
C PRO B 180 -37.89 -31.35 22.42
N GLY B 181 -38.20 -32.54 22.93
CA GLY B 181 -38.54 -33.67 22.11
C GLY B 181 -37.37 -34.53 21.68
N GLU B 182 -36.15 -34.07 21.89
CA GLU B 182 -34.97 -34.84 21.52
C GLU B 182 -34.72 -35.95 22.53
N ASP B 183 -34.46 -37.16 22.02
CA ASP B 183 -34.14 -38.28 22.88
C ASP B 183 -32.79 -38.04 23.57
N PRO B 184 -32.65 -38.41 24.84
CA PRO B 184 -31.38 -38.16 25.53
C PRO B 184 -30.31 -39.17 25.19
N ARG B 185 -30.19 -39.50 23.90
CA ARG B 185 -29.10 -40.31 23.39
C ARG B 185 -28.37 -39.67 22.22
N VAL B 186 -28.98 -38.71 21.54
CA VAL B 186 -28.28 -37.95 20.52
C VAL B 186 -27.59 -36.74 21.12
N THR B 187 -28.15 -36.16 22.19
CA THR B 187 -27.53 -35.04 22.86
C THR B 187 -26.17 -35.41 23.42
N ARG B 188 -26.05 -36.62 23.98
CA ARG B 188 -24.77 -37.07 24.50
C ARG B 188 -23.71 -37.14 23.41
N ALA B 189 -24.07 -37.71 22.25
CA ALA B 189 -23.11 -37.80 21.15
C ALA B 189 -22.75 -36.43 20.60
N LYS B 190 -23.75 -35.55 20.43
CA LYS B 190 -23.47 -34.21 19.90
C LYS B 190 -22.56 -33.43 20.83
N TYR B 191 -22.83 -33.48 22.14
CA TYR B 191 -21.98 -32.77 23.07
C TYR B 191 -20.61 -33.40 23.17
N PHE B 192 -20.51 -34.73 22.97
CA PHE B 192 -19.20 -35.36 22.93
C PHE B 192 -18.37 -34.84 21.75
N ILE B 193 -18.99 -34.75 20.57
CA ILE B 193 -18.28 -34.24 19.40
C ILE B 193 -17.89 -32.78 19.59
N ARG B 194 -18.81 -31.97 20.12
CA ARG B 194 -18.51 -30.56 20.33
C ARG B 194 -17.39 -30.38 21.34
N LYS B 195 -17.39 -31.20 22.40
CA LYS B 195 -16.31 -31.15 23.37
C LYS B 195 -14.98 -31.54 22.74
N GLU B 196 -14.99 -32.60 21.93
CA GLU B 196 -13.76 -33.06 21.30
C GLU B 196 -13.18 -32.01 20.36
N PHE B 197 -14.05 -31.22 19.73
CA PHE B 197 -13.55 -30.13 18.89
C PHE B 197 -13.09 -28.94 19.71
N VAL B 198 -13.87 -28.56 20.74
CA VAL B 198 -13.59 -27.34 21.50
C VAL B 198 -12.32 -27.49 22.33
N ASP B 199 -12.05 -28.68 22.87
CA ASP B 199 -10.90 -28.86 23.74
C ASP B 199 -9.58 -28.49 23.06
N ILE B 200 -9.52 -28.58 21.72
CA ILE B 200 -8.34 -28.12 21.00
C ILE B 200 -8.25 -26.60 21.06
N SER B 201 -9.39 -25.92 20.92
CA SER B 201 -9.38 -24.45 20.88
C SER B 201 -8.97 -23.85 22.21
N THR B 202 -9.30 -24.50 23.32
CA THR B 202 -9.00 -23.96 24.64
C THR B 202 -7.55 -24.18 25.04
N ALA B 203 -6.82 -25.04 24.32
CA ALA B 203 -5.45 -25.36 24.71
C ALA B 203 -4.45 -24.27 24.34
N SER B 204 -4.81 -23.36 23.44
CA SER B 204 -3.88 -22.32 23.01
C SER B 204 -4.65 -21.14 22.44
N GLY B 205 -3.97 -20.00 22.36
CA GLY B 205 -4.56 -18.79 21.82
C GLY B 205 -4.39 -17.60 22.73
N ASP B 206 -4.46 -17.82 24.04
CA ASP B 206 -4.26 -16.79 25.05
C ASP B 206 -5.21 -15.61 24.85
N GLY B 207 -6.43 -15.91 24.39
CA GLY B 207 -7.46 -14.90 24.27
C GLY B 207 -7.45 -14.11 22.97
N ARG B 208 -6.48 -14.34 22.09
CA ARG B 208 -6.35 -13.54 20.87
C ARG B 208 -7.41 -13.87 19.83
N HIS B 209 -8.04 -15.04 19.91
CA HIS B 209 -9.07 -15.42 18.95
C HIS B 209 -10.00 -16.43 19.59
N ILE B 210 -11.23 -16.49 19.08
CA ILE B 210 -12.30 -17.29 19.67
C ILE B 210 -12.89 -18.20 18.60
N CYS B 211 -13.33 -19.37 19.01
CA CYS B 211 -14.05 -20.31 18.15
C CYS B 211 -15.54 -20.25 18.47
N TYR B 212 -16.37 -20.35 17.43
CA TYR B 212 -17.82 -20.21 17.55
C TYR B 212 -18.50 -21.46 17.00
N PRO B 213 -18.62 -22.52 17.81
CA PRO B 213 -19.24 -23.75 17.31
C PRO B 213 -20.71 -23.57 17.02
N HIS B 214 -21.19 -24.33 16.03
CA HIS B 214 -22.60 -24.32 15.66
C HIS B 214 -23.01 -25.69 15.15
N PHE B 215 -24.27 -26.03 15.37
CA PHE B 215 -24.86 -27.24 14.81
C PHE B 215 -25.80 -26.84 13.67
N THR B 216 -25.62 -27.48 12.51
CA THR B 216 -26.38 -27.14 11.32
C THR B 216 -26.81 -28.42 10.61
N CYS B 217 -27.53 -28.25 9.50
CA CYS B 217 -28.03 -29.37 8.73
C CYS B 217 -28.21 -28.92 7.29
N ALA B 218 -28.59 -29.86 6.42
CA ALA B 218 -28.68 -29.57 5.00
C ALA B 218 -29.85 -28.65 4.66
N VAL B 219 -30.83 -28.50 5.55
CA VAL B 219 -32.04 -27.76 5.25
C VAL B 219 -32.14 -26.46 6.04
N ASP B 220 -31.19 -26.18 6.93
CA ASP B 220 -31.26 -24.97 7.72
C ASP B 220 -30.92 -23.74 6.89
N THR B 221 -31.63 -22.64 7.15
CA THR B 221 -31.43 -21.40 6.43
C THR B 221 -30.90 -20.27 7.31
N GLU B 222 -30.94 -20.43 8.63
CA GLU B 222 -30.52 -19.37 9.55
C GLU B 222 -29.01 -19.17 9.57
N ASN B 223 -28.25 -19.96 8.80
CA ASN B 223 -26.79 -19.86 8.84
C ASN B 223 -26.29 -18.46 8.50
N ALA B 224 -27.07 -17.70 7.73
CA ALA B 224 -26.64 -16.35 7.34
C ALA B 224 -26.53 -15.43 8.55
N ARG B 225 -27.47 -15.52 9.48
CA ARG B 225 -27.46 -14.64 10.63
C ARG B 225 -26.30 -14.94 11.57
N ARG B 226 -25.90 -16.20 11.67
CA ARG B 226 -24.82 -16.57 12.58
C ARG B 226 -23.51 -15.91 12.19
N ILE B 227 -23.21 -15.88 10.88
CA ILE B 227 -21.99 -15.24 10.42
C ILE B 227 -22.01 -13.76 10.74
N PHE B 228 -23.16 -13.11 10.52
CA PHE B 228 -23.28 -11.68 10.81
C PHE B 228 -23.07 -11.40 12.29
N ASN B 229 -23.70 -12.21 13.16
CA ASN B 229 -23.56 -11.99 14.59
C ASN B 229 -22.14 -12.23 15.07
N ASP B 230 -21.49 -13.28 14.57
CA ASP B 230 -20.11 -13.55 14.97
C ASP B 230 -19.17 -12.46 14.49
N CYS B 231 -19.37 -11.96 13.27
CA CYS B 231 -18.52 -10.87 12.78
C CYS B 231 -18.73 -9.60 13.59
N LYS B 232 -19.97 -9.29 13.95
CA LYS B 232 -20.23 -8.13 14.79
C LYS B 232 -19.57 -8.27 16.15
N ASP B 233 -19.62 -9.48 16.73
CA ASP B 233 -18.95 -9.72 18.01
C ASP B 233 -17.44 -9.54 17.87
N ILE B 234 -16.86 -10.02 16.77
CA ILE B 234 -15.42 -9.89 16.57
C ILE B 234 -15.03 -8.43 16.47
N ILE B 235 -15.80 -7.65 15.72
CA ILE B 235 -15.50 -6.22 15.57
C ILE B 235 -15.66 -5.50 16.89
N LEU B 236 -16.66 -5.89 17.69
CA LEU B 236 -16.84 -5.31 19.01
C LEU B 236 -15.65 -5.62 19.91
N GLN B 237 -15.14 -6.85 19.85
CA GLN B 237 -13.97 -7.21 20.64
C GLN B 237 -12.76 -6.39 20.23
N MET B 238 -12.56 -6.22 18.92
CA MET B 238 -11.45 -5.40 18.45
C MET B 238 -11.57 -3.96 18.93
N ASN B 239 -12.78 -3.40 18.89
CA ASN B 239 -12.98 -2.03 19.37
C ASN B 239 -12.72 -1.92 20.86
N LEU B 240 -13.18 -2.91 21.65
CA LEU B 240 -12.93 -2.89 23.08
C LEU B 240 -11.43 -2.94 23.36
N ARG B 241 -10.70 -3.74 22.58
CA ARG B 241 -9.25 -3.79 22.74
C ARG B 241 -8.61 -2.47 22.34
N GLU B 242 -9.22 -1.75 21.39
CA GLU B 242 -8.63 -0.51 20.89
C GLU B 242 -8.63 0.59 21.94
N TYR B 243 -9.65 0.65 22.79
CA TYR B 243 -9.82 1.74 23.75
C TYR B 243 -9.17 1.47 25.10
N ASN B 244 -8.30 0.47 25.19
CA ASN B 244 -7.60 0.13 26.42
C ASN B 244 -8.57 -0.22 27.54
N LEU B 245 -9.68 -0.87 27.19
CA LEU B 245 -10.64 -1.34 28.18
C LEU B 245 -10.40 -2.77 28.62
N VAL B 246 -9.74 -3.59 27.81
CA VAL B 246 -9.46 -4.97 28.17
C VAL B 246 -7.95 -5.18 28.23
N ASP C 23 12.28 -53.15 -7.34
CA ASP C 23 13.12 -53.85 -6.38
C ASP C 23 14.59 -53.75 -6.75
N GLN C 24 14.88 -53.86 -8.05
CA GLN C 24 16.24 -53.77 -8.55
C GLN C 24 16.66 -52.35 -8.89
N LEU C 25 15.71 -51.48 -9.27
CA LEU C 25 16.05 -50.13 -9.69
C LEU C 25 16.42 -49.24 -8.52
N ARG C 26 15.87 -49.51 -7.34
CA ARG C 26 16.22 -48.70 -6.17
C ARG C 26 17.70 -48.83 -5.82
N GLN C 27 18.23 -50.05 -5.91
CA GLN C 27 19.66 -50.24 -5.64
C GLN C 27 20.52 -49.52 -6.65
N GLU C 28 20.13 -49.55 -7.93
CA GLU C 28 20.86 -48.82 -8.96
C GLU C 28 20.83 -47.32 -8.70
N ALA C 29 19.66 -46.80 -8.32
CA ALA C 29 19.55 -45.37 -8.02
C ALA C 29 20.42 -44.99 -6.83
N GLU C 30 20.43 -45.83 -5.80
CA GLU C 30 21.29 -45.56 -4.64
C GLU C 30 22.76 -45.61 -5.00
N GLN C 31 23.15 -46.56 -5.85
CA GLN C 31 24.54 -46.63 -6.29
C GLN C 31 24.92 -45.39 -7.10
N LEU C 32 24.03 -44.93 -7.96
CA LEU C 32 24.31 -43.72 -8.73
C LEU C 32 24.42 -42.50 -7.81
N LYS C 33 23.55 -42.40 -6.81
CA LYS C 33 23.62 -41.28 -5.87
C LYS C 33 24.92 -41.31 -5.09
N ASN C 34 25.36 -42.50 -4.66
CA ASN C 34 26.62 -42.62 -3.95
C ASN C 34 27.79 -42.26 -4.85
N GLN C 35 27.73 -42.66 -6.13
CA GLN C 35 28.78 -42.30 -7.06
C GLN C 35 28.86 -40.79 -7.24
N ILE C 36 27.71 -40.13 -7.36
CA ILE C 36 27.70 -38.68 -7.50
C ILE C 36 28.25 -38.01 -6.25
N ARG C 37 27.86 -38.51 -5.07
CA ARG C 37 28.36 -37.94 -3.82
C ARG C 37 29.88 -38.10 -3.71
N ASP C 38 30.40 -39.26 -4.09
CA ASP C 38 31.85 -39.46 -4.06
C ASP C 38 32.56 -38.56 -5.06
N ALA C 39 31.97 -38.38 -6.24
CA ALA C 39 32.57 -37.50 -7.24
C ALA C 39 32.61 -36.06 -6.75
N ARG C 40 31.54 -35.60 -6.09
CA ARG C 40 31.51 -34.22 -5.60
C ARG C 40 32.55 -33.99 -4.50
N LYS C 41 32.74 -34.98 -3.62
CA LYS C 41 33.65 -34.81 -2.50
C LYS C 41 35.10 -34.67 -2.95
N ALA C 42 35.44 -35.28 -4.09
CA ALA C 42 36.83 -35.27 -4.54
C ALA C 42 37.33 -33.90 -4.93
N CYS C 43 36.43 -32.96 -5.25
CA CYS C 43 36.82 -31.64 -5.72
C CYS C 43 36.89 -30.59 -4.62
N ALA C 44 36.59 -30.95 -3.37
CA ALA C 44 36.57 -29.99 -2.28
C ALA C 44 37.98 -29.82 -1.70
N ASP C 45 38.82 -29.15 -2.49
CA ASP C 45 40.20 -28.90 -2.10
C ASP C 45 40.41 -27.54 -1.44
N ALA C 46 39.39 -26.69 -1.39
CA ALA C 46 39.51 -25.37 -0.79
C ALA C 46 38.13 -24.81 -0.53
N THR C 47 38.07 -23.74 0.26
CA THR C 47 36.83 -23.08 0.62
C THR C 47 37.01 -21.57 0.48
N LEU C 48 35.88 -20.87 0.35
CA LEU C 48 35.90 -19.42 0.24
C LEU C 48 36.47 -18.76 1.49
N SER C 49 36.20 -19.33 2.66
CA SER C 49 36.65 -18.73 3.91
C SER C 49 38.16 -18.70 4.04
N GLN C 50 38.88 -19.45 3.21
CA GLN C 50 40.34 -19.54 3.29
C GLN C 50 41.05 -18.66 2.28
N ILE C 51 40.52 -18.55 1.05
CA ILE C 51 41.18 -17.73 0.05
C ILE C 51 40.91 -16.25 0.27
N THR C 52 39.85 -15.90 1.00
CA THR C 52 39.46 -14.51 1.20
C THR C 52 40.13 -13.87 2.41
N ASN C 53 41.08 -14.56 3.04
CA ASN C 53 41.77 -13.99 4.19
C ASN C 53 42.64 -12.79 3.81
N ASN C 54 42.95 -12.62 2.53
CA ASN C 54 43.76 -11.51 2.04
C ASN C 54 42.92 -10.39 1.45
N ILE C 55 41.59 -10.44 1.61
CA ILE C 55 40.68 -9.45 1.05
C ILE C 55 40.13 -8.59 2.18
N ASP C 56 40.23 -7.28 2.00
CA ASP C 56 39.75 -6.36 3.03
C ASP C 56 38.23 -6.36 3.09
N PRO C 57 37.65 -6.23 4.27
CA PRO C 57 36.19 -6.15 4.40
C PRO C 57 35.64 -4.87 3.77
N VAL C 58 34.38 -4.94 3.36
CA VAL C 58 33.72 -3.78 2.76
C VAL C 58 33.45 -2.70 3.79
N GLY C 59 33.46 -3.03 5.08
CA GLY C 59 33.18 -2.06 6.12
C GLY C 59 31.70 -1.87 6.35
N ARG C 60 31.38 -0.73 6.98
CA ARG C 60 30.00 -0.39 7.30
C ARG C 60 29.41 0.42 6.16
N ILE C 61 28.23 0.01 5.70
CA ILE C 61 27.55 0.64 4.57
C ILE C 61 26.24 1.22 5.06
N GLN C 62 26.06 2.53 4.89
CA GLN C 62 24.87 3.24 5.32
C GLN C 62 24.04 3.62 4.09
N MET C 63 22.75 3.31 4.15
CA MET C 63 21.81 3.67 3.10
C MET C 63 20.60 4.34 3.73
N ARG C 64 20.10 5.38 3.08
CA ARG C 64 19.01 6.19 3.62
C ARG C 64 17.91 6.33 2.57
N THR C 65 16.70 6.56 3.05
CA THR C 65 15.55 6.71 2.16
C THR C 65 15.65 8.02 1.41
N ARG C 66 15.52 7.95 0.08
CA ARG C 66 15.53 9.14 -0.77
C ARG C 66 14.16 9.50 -1.31
N ARG C 67 13.30 8.51 -1.54
CA ARG C 67 11.92 8.75 -1.98
C ARG C 67 11.01 7.80 -1.24
N THR C 68 9.77 8.23 -1.05
CA THR C 68 8.71 7.38 -0.50
C THR C 68 7.51 7.43 -1.43
N LEU C 69 7.02 6.26 -1.81
CA LEU C 69 5.96 6.14 -2.81
C LEU C 69 4.66 5.75 -2.12
N ARG C 70 3.64 6.58 -2.27
CA ARG C 70 2.35 6.36 -1.62
C ARG C 70 1.26 6.23 -2.67
N GLY C 71 0.22 5.50 -2.32
CA GLY C 71 -0.91 5.30 -3.22
C GLY C 71 -1.50 3.91 -3.13
N HIS C 72 -0.69 2.93 -2.77
CA HIS C 72 -1.20 1.58 -2.58
C HIS C 72 -1.97 1.49 -1.28
N LEU C 73 -3.04 0.69 -1.28
CA LEU C 73 -3.91 0.53 -0.14
C LEU C 73 -3.89 -0.87 0.44
N ALA C 74 -2.90 -1.68 0.09
CA ALA C 74 -2.86 -3.07 0.52
C ALA C 74 -1.42 -3.55 0.52
N LYS C 75 -1.23 -4.79 0.96
CA LYS C 75 0.10 -5.39 1.00
C LYS C 75 0.69 -5.48 -0.40
N ILE C 76 1.97 -5.17 -0.52
CA ILE C 76 2.69 -5.21 -1.79
C ILE C 76 3.35 -6.56 -1.95
N TYR C 77 3.10 -7.22 -3.09
CA TYR C 77 3.58 -8.57 -3.32
C TYR C 77 4.66 -8.69 -4.40
N ALA C 78 4.66 -7.81 -5.39
CA ALA C 78 5.59 -7.94 -6.52
C ALA C 78 6.13 -6.58 -6.93
N MET C 79 7.33 -6.58 -7.48
CA MET C 79 8.01 -5.37 -7.92
C MET C 79 9.07 -5.76 -8.94
N HIS C 80 9.31 -4.86 -9.91
CA HIS C 80 10.30 -5.12 -10.94
C HIS C 80 10.81 -3.80 -11.51
N TRP C 81 12.11 -3.73 -11.74
CA TRP C 81 12.74 -2.56 -12.31
C TRP C 81 12.70 -2.59 -13.83
N GLY C 82 12.76 -1.40 -14.44
CA GLY C 82 12.88 -1.29 -15.87
C GLY C 82 14.33 -1.32 -16.33
N THR C 83 14.50 -1.26 -17.64
CA THR C 83 15.83 -1.28 -18.24
C THR C 83 16.46 0.11 -18.32
N ASP C 84 15.68 1.17 -18.13
CA ASP C 84 16.20 2.53 -18.19
C ASP C 84 16.57 3.09 -16.82
N SER C 85 16.38 2.32 -15.75
CA SER C 85 16.67 2.69 -14.38
C SER C 85 15.79 3.82 -13.86
N ARG C 86 14.68 4.12 -14.54
CA ARG C 86 13.76 5.14 -14.08
C ARG C 86 12.36 4.62 -13.81
N LEU C 87 11.84 3.74 -14.66
CA LEU C 87 10.49 3.23 -14.51
C LEU C 87 10.47 2.01 -13.60
N LEU C 88 9.41 1.88 -12.81
CA LEU C 88 9.27 0.79 -11.85
C LEU C 88 7.80 0.36 -11.81
N VAL C 89 7.58 -0.94 -11.65
CA VAL C 89 6.24 -1.52 -11.61
C VAL C 89 6.08 -2.26 -10.29
N SER C 90 4.90 -2.12 -9.68
CA SER C 90 4.59 -2.77 -8.41
C SER C 90 3.19 -3.36 -8.48
N ALA C 91 2.98 -4.40 -7.67
CA ALA C 91 1.70 -5.08 -7.61
C ALA C 91 1.27 -5.24 -6.16
N SER C 92 -0.03 -5.09 -5.91
CA SER C 92 -0.58 -5.15 -4.57
C SER C 92 -1.92 -5.86 -4.61
N GLN C 93 -2.46 -6.14 -3.43
CA GLN C 93 -3.70 -6.90 -3.31
C GLN C 93 -4.95 -6.05 -3.54
N ASP C 94 -4.80 -4.76 -3.81
CA ASP C 94 -5.95 -3.93 -4.10
C ASP C 94 -6.47 -4.12 -5.51
N GLY C 95 -5.80 -4.91 -6.34
CA GLY C 95 -6.24 -5.17 -7.70
C GLY C 95 -5.73 -4.20 -8.74
N LYS C 96 -4.69 -3.42 -8.44
CA LYS C 96 -4.18 -2.42 -9.35
C LYS C 96 -2.67 -2.54 -9.49
N LEU C 97 -2.20 -2.17 -10.68
CA LEU C 97 -0.78 -2.20 -11.02
C LEU C 97 -0.34 -0.78 -11.37
N ILE C 98 0.69 -0.29 -10.69
CA ILE C 98 1.10 1.11 -10.78
C ILE C 98 2.51 1.18 -11.36
N ILE C 99 2.72 2.11 -12.28
CA ILE C 99 4.02 2.38 -12.88
C ILE C 99 4.51 3.71 -12.33
N TRP C 100 5.72 3.72 -11.78
CA TRP C 100 6.24 4.86 -11.03
C TRP C 100 7.39 5.51 -11.78
N ASP C 101 7.53 6.82 -11.58
CA ASP C 101 8.72 7.56 -11.99
C ASP C 101 9.55 7.80 -10.74
N SER C 102 10.70 7.12 -10.66
CA SER C 102 11.47 7.13 -9.41
C SER C 102 12.07 8.50 -9.11
N TYR C 103 12.37 9.30 -10.14
CA TYR C 103 13.04 10.58 -9.90
C TYR C 103 12.10 11.63 -9.35
N THR C 104 10.85 11.69 -9.83
CA THR C 104 9.93 12.75 -9.44
C THR C 104 8.75 12.27 -8.61
N THR C 105 8.57 10.96 -8.45
CA THR C 105 7.48 10.32 -7.72
C THR C 105 6.13 10.48 -8.41
N ASN C 106 6.10 11.06 -9.61
CA ASN C 106 4.87 11.13 -10.37
C ASN C 106 4.45 9.75 -10.86
N LYS C 107 3.15 9.52 -10.93
CA LYS C 107 2.61 8.28 -11.45
C LYS C 107 2.38 8.38 -12.95
N VAL C 108 2.69 7.31 -13.67
CA VAL C 108 2.56 7.29 -15.12
C VAL C 108 1.33 6.52 -15.57
N HIS C 109 1.14 5.31 -15.05
CA HIS C 109 -0.01 4.49 -15.41
C HIS C 109 -0.55 3.78 -14.18
N ALA C 110 -1.83 3.43 -14.27
CA ALA C 110 -2.50 2.60 -13.27
C ALA C 110 -3.31 1.56 -14.01
N ILE C 111 -3.07 0.28 -13.72
CA ILE C 111 -3.69 -0.79 -14.49
C ILE C 111 -4.63 -1.61 -13.62
N PRO C 112 -5.93 -1.60 -13.88
CA PRO C 112 -6.84 -2.49 -13.16
C PRO C 112 -6.58 -3.95 -13.51
N LEU C 113 -6.82 -4.82 -12.54
CA LEU C 113 -6.63 -6.25 -12.72
C LEU C 113 -7.97 -6.98 -12.66
N ARG C 114 -8.06 -8.06 -13.44
CA ARG C 114 -9.28 -8.86 -13.46
C ARG C 114 -9.42 -9.74 -12.21
N SER C 115 -8.34 -9.98 -11.49
CA SER C 115 -8.37 -10.74 -10.25
C SER C 115 -7.42 -10.08 -9.26
N SER C 116 -7.85 -10.01 -8.01
CA SER C 116 -7.12 -9.24 -7.00
C SER C 116 -6.03 -10.03 -6.30
N TRP C 117 -5.93 -11.34 -6.55
CA TRP C 117 -4.94 -12.18 -5.88
C TRP C 117 -3.73 -12.35 -6.79
N VAL C 118 -3.01 -11.25 -6.99
CA VAL C 118 -1.83 -11.21 -7.84
C VAL C 118 -0.61 -11.51 -6.99
N MET C 119 0.31 -12.32 -7.53
CA MET C 119 1.49 -12.74 -6.78
C MET C 119 2.82 -12.44 -7.47
N THR C 120 2.82 -12.10 -8.77
CA THR C 120 4.07 -11.80 -9.46
C THR C 120 3.81 -10.80 -10.57
N CYS C 121 4.88 -10.12 -10.99
CA CYS C 121 4.82 -9.15 -12.08
C CYS C 121 6.17 -9.10 -12.78
N ALA C 122 6.16 -8.64 -14.02
CA ALA C 122 7.39 -8.54 -14.80
C ALA C 122 7.29 -7.39 -15.80
N TYR C 123 8.44 -6.87 -16.19
CA TYR C 123 8.56 -5.73 -17.09
C TYR C 123 9.38 -6.14 -18.30
N ALA C 124 8.84 -5.91 -19.49
CA ALA C 124 9.52 -6.33 -20.71
C ALA C 124 10.80 -5.52 -20.90
N PRO C 125 11.89 -6.16 -21.34
CA PRO C 125 13.14 -5.40 -21.55
C PRO C 125 13.04 -4.35 -22.64
N SER C 126 12.10 -4.46 -23.56
CA SER C 126 11.92 -3.43 -24.58
C SER C 126 11.04 -2.29 -24.09
N GLY C 127 10.39 -2.43 -22.94
CA GLY C 127 9.58 -1.39 -22.38
C GLY C 127 8.17 -1.29 -22.92
N ASN C 128 7.74 -2.24 -23.74
CA ASN C 128 6.42 -2.19 -24.36
C ASN C 128 5.36 -2.99 -23.61
N TYR C 129 5.76 -3.98 -22.81
CA TYR C 129 4.78 -4.90 -22.21
C TYR C 129 5.08 -5.11 -20.73
N VAL C 130 4.04 -5.47 -19.99
CA VAL C 130 4.14 -5.88 -18.60
C VAL C 130 3.24 -7.10 -18.41
N ALA C 131 3.71 -8.06 -17.61
CA ALA C 131 2.97 -9.28 -17.36
C ALA C 131 2.83 -9.53 -15.87
N CYS C 132 1.76 -10.25 -15.51
CA CYS C 132 1.43 -10.52 -14.12
C CYS C 132 0.59 -11.78 -14.06
N GLY C 133 0.38 -12.28 -12.84
CA GLY C 133 -0.42 -13.46 -12.64
C GLY C 133 -0.52 -13.80 -11.16
N GLY C 134 -1.25 -14.86 -10.86
CA GLY C 134 -1.46 -15.27 -9.49
C GLY C 134 -2.25 -16.55 -9.32
N LEU C 135 -3.21 -16.53 -8.39
CA LEU C 135 -3.97 -17.72 -8.02
C LEU C 135 -5.01 -18.13 -9.07
N ASP C 136 -5.18 -17.35 -10.13
CA ASP C 136 -6.15 -17.69 -11.17
C ASP C 136 -5.58 -18.61 -12.23
N ASN C 137 -4.31 -19.00 -12.11
CA ASN C 137 -3.64 -19.92 -13.02
C ASN C 137 -3.48 -19.36 -14.42
N ILE C 138 -3.51 -18.03 -14.58
CA ILE C 138 -3.40 -17.39 -15.88
C ILE C 138 -2.35 -16.29 -15.78
N CYS C 139 -1.49 -16.21 -16.81
CA CYS C 139 -0.53 -15.13 -16.94
C CYS C 139 -1.03 -14.16 -18.01
N SER C 140 -1.18 -12.89 -17.65
CA SER C 140 -1.77 -11.89 -18.53
C SER C 140 -0.72 -10.86 -18.94
N ILE C 141 -0.76 -10.45 -20.20
CA ILE C 141 0.23 -9.55 -20.79
C ILE C 141 -0.47 -8.27 -21.24
N TYR C 142 0.08 -7.13 -20.84
CA TYR C 142 -0.51 -5.82 -21.12
C TYR C 142 0.35 -5.04 -22.09
N ASN C 143 -0.32 -4.27 -22.96
CA ASN C 143 0.34 -3.47 -23.99
C ASN C 143 0.42 -2.03 -23.52
N LEU C 144 1.64 -1.52 -23.36
CA LEU C 144 1.85 -0.19 -22.79
C LEU C 144 1.88 0.93 -23.82
N LYS C 145 1.95 0.62 -25.11
CA LYS C 145 2.08 1.63 -26.15
C LYS C 145 1.03 1.38 -27.23
N THR C 146 -0.07 2.12 -27.15
CA THR C 146 -1.15 2.01 -28.13
C THR C 146 -1.46 3.39 -28.70
N ARG C 147 -2.02 3.40 -29.91
CA ARG C 147 -2.41 4.65 -30.52
C ARG C 147 -3.64 5.25 -29.85
N GLU C 148 -4.43 4.43 -29.17
CA GLU C 148 -5.59 4.93 -28.44
C GLU C 148 -5.22 5.62 -27.14
N GLY C 149 -4.05 5.33 -26.58
CA GLY C 149 -3.62 5.91 -25.33
C GLY C 149 -3.96 5.10 -24.11
N ASN C 150 -4.77 4.05 -24.25
CA ASN C 150 -5.16 3.18 -23.15
C ASN C 150 -4.29 1.94 -23.13
N VAL C 151 -4.14 1.38 -21.93
CA VAL C 151 -3.46 0.10 -21.75
C VAL C 151 -4.49 -1.01 -21.82
N ARG C 152 -4.28 -1.96 -22.73
CA ARG C 152 -5.24 -3.01 -22.99
C ARG C 152 -4.56 -4.37 -22.89
N VAL C 153 -5.37 -5.40 -22.64
CA VAL C 153 -4.86 -6.76 -22.49
C VAL C 153 -4.61 -7.35 -23.86
N SER C 154 -3.42 -7.94 -24.04
CA SER C 154 -3.03 -8.49 -25.33
C SER C 154 -3.35 -9.97 -25.47
N ARG C 155 -3.08 -10.79 -24.45
CA ARG C 155 -3.37 -12.21 -24.50
C ARG C 155 -3.29 -12.80 -23.11
N GLU C 156 -4.06 -13.86 -22.88
CA GLU C 156 -4.08 -14.59 -21.63
C GLU C 156 -3.53 -15.98 -21.86
N LEU C 157 -2.60 -16.40 -21.01
CA LEU C 157 -1.90 -17.68 -21.15
C LEU C 157 -2.47 -18.67 -20.14
N ALA C 158 -3.10 -19.74 -20.65
CA ALA C 158 -3.70 -20.79 -19.85
C ALA C 158 -3.03 -22.12 -20.14
N GLY C 159 -3.14 -23.04 -19.19
CA GLY C 159 -2.57 -24.36 -19.35
C GLY C 159 -2.02 -24.99 -18.09
N HIS C 160 -1.61 -24.16 -17.12
CA HIS C 160 -1.19 -24.68 -15.83
C HIS C 160 -2.41 -25.11 -15.01
N THR C 161 -2.17 -26.01 -14.06
CA THR C 161 -3.23 -26.47 -13.17
C THR C 161 -3.11 -25.91 -11.76
N GLY C 162 -1.93 -25.46 -11.35
CA GLY C 162 -1.75 -24.81 -10.08
C GLY C 162 -1.62 -23.30 -10.23
N TYR C 163 -1.39 -22.63 -9.09
CA TYR C 163 -1.22 -21.19 -9.09
C TYR C 163 0.15 -20.81 -9.66
N LEU C 164 0.23 -19.58 -10.15
CA LEU C 164 1.43 -19.07 -10.81
C LEU C 164 2.27 -18.29 -9.81
N SER C 165 3.56 -18.59 -9.75
CA SER C 165 4.46 -18.00 -8.76
C SER C 165 5.45 -17.00 -9.32
N CYS C 166 5.84 -17.11 -10.59
CA CYS C 166 6.83 -16.20 -11.15
C CYS C 166 6.80 -16.28 -12.67
N CYS C 167 7.13 -15.16 -13.31
CA CYS C 167 7.22 -15.09 -14.77
C CYS C 167 8.32 -14.10 -15.15
N ARG C 168 9.03 -14.41 -16.23
CA ARG C 168 10.12 -13.58 -16.72
C ARG C 168 10.14 -13.58 -18.23
N PHE C 169 10.40 -12.41 -18.82
CA PHE C 169 10.44 -12.26 -20.27
C PHE C 169 11.79 -12.65 -20.83
N LEU C 170 11.77 -13.29 -21.99
CA LEU C 170 12.97 -13.51 -22.80
C LEU C 170 13.06 -12.55 -23.97
N ASP C 171 11.93 -12.29 -24.62
CA ASP C 171 11.81 -11.28 -25.66
C ASP C 171 10.33 -10.91 -25.73
N ASP C 172 9.93 -10.22 -26.80
CA ASP C 172 8.54 -9.84 -26.95
C ASP C 172 7.64 -11.03 -27.26
N ASN C 173 8.21 -12.20 -27.60
CA ASN C 173 7.41 -13.34 -28.03
C ASN C 173 7.61 -14.61 -27.20
N GLN C 174 8.54 -14.61 -26.24
CA GLN C 174 8.77 -15.78 -25.40
C GLN C 174 8.79 -15.39 -23.93
N ILE C 175 8.18 -16.23 -23.09
CA ILE C 175 8.11 -16.00 -21.65
C ILE C 175 8.17 -17.34 -20.94
N VAL C 176 8.82 -17.36 -19.77
CA VAL C 176 8.96 -18.56 -18.94
C VAL C 176 8.15 -18.36 -17.67
N THR C 177 7.35 -19.35 -17.31
CA THR C 177 6.49 -19.28 -16.13
C THR C 177 6.72 -20.48 -15.23
N SER C 178 6.47 -20.29 -13.93
CA SER C 178 6.59 -21.32 -12.92
C SER C 178 5.32 -21.39 -12.11
N SER C 179 4.94 -22.60 -11.70
CA SER C 179 3.67 -22.81 -11.02
C SER C 179 3.85 -23.79 -9.86
N GLY C 180 2.79 -23.95 -9.08
CA GLY C 180 2.75 -24.85 -7.95
C GLY C 180 2.39 -26.29 -8.27
N ASP C 181 2.24 -26.62 -9.55
CA ASP C 181 1.95 -27.98 -9.98
C ASP C 181 3.22 -28.73 -10.39
N THR C 182 4.37 -28.29 -9.90
CA THR C 182 5.70 -28.91 -10.03
C THR C 182 6.29 -28.77 -11.43
N THR C 183 5.68 -28.02 -12.34
CA THR C 183 6.16 -27.90 -13.71
C THR C 183 6.53 -26.46 -14.04
N CYS C 184 7.38 -26.32 -15.05
CA CYS C 184 7.69 -25.04 -15.68
C CYS C 184 7.44 -25.15 -17.17
N ALA C 185 7.22 -24.00 -17.82
CA ALA C 185 6.84 -24.01 -19.22
C ALA C 185 7.47 -22.85 -19.96
N LEU C 186 7.65 -23.03 -21.27
CA LEU C 186 8.11 -21.99 -22.17
C LEU C 186 7.03 -21.72 -23.20
N TRP C 187 6.66 -20.45 -23.36
CA TRP C 187 5.47 -20.06 -24.10
C TRP C 187 5.81 -19.27 -25.35
N ASP C 188 4.88 -19.29 -26.29
CA ASP C 188 4.94 -18.47 -27.51
C ASP C 188 3.80 -17.47 -27.44
N ILE C 189 4.13 -16.19 -27.26
CA ILE C 189 3.12 -15.17 -27.04
C ILE C 189 2.25 -14.97 -28.28
N GLU C 190 2.83 -15.14 -29.48
CA GLU C 190 2.09 -14.89 -30.71
C GLU C 190 0.93 -15.87 -30.86
N THR C 191 1.13 -17.14 -30.48
CA THR C 191 0.12 -18.15 -30.65
C THR C 191 -0.54 -18.60 -29.34
N GLY C 192 0.09 -18.35 -28.20
CA GLY C 192 -0.48 -18.78 -26.94
C GLY C 192 -0.38 -20.26 -26.67
N GLN C 193 0.53 -20.95 -27.34
CA GLN C 193 0.70 -22.39 -27.18
C GLN C 193 2.00 -22.69 -26.46
N GLN C 194 1.98 -23.74 -25.63
CA GLN C 194 3.13 -24.13 -24.84
C GLN C 194 4.04 -25.00 -25.70
N THR C 195 5.33 -24.62 -25.77
CA THR C 195 6.27 -25.32 -26.64
C THR C 195 7.13 -26.34 -25.91
N THR C 196 7.45 -26.10 -24.63
CA THR C 196 8.26 -27.03 -23.86
C THR C 196 7.77 -27.06 -22.43
N THR C 197 7.66 -28.26 -21.87
CA THR C 197 7.27 -28.45 -20.47
C THR C 197 8.44 -29.05 -19.72
N PHE C 198 8.72 -28.51 -18.54
CA PHE C 198 9.86 -28.92 -17.72
C PHE C 198 9.33 -29.63 -16.49
N THR C 199 9.62 -30.93 -16.38
CA THR C 199 9.14 -31.76 -15.29
C THR C 199 10.31 -32.41 -14.58
N GLY C 200 10.08 -32.77 -13.31
CA GLY C 200 11.11 -33.36 -12.48
C GLY C 200 11.05 -32.93 -11.04
N HIS C 201 10.30 -31.87 -10.75
CA HIS C 201 10.12 -31.43 -9.39
C HIS C 201 8.98 -32.21 -8.72
N THR C 202 9.06 -32.29 -7.39
CA THR C 202 8.08 -33.00 -6.59
C THR C 202 7.27 -32.07 -5.69
N GLY C 203 7.59 -30.79 -5.65
CA GLY C 203 6.89 -29.84 -4.82
C GLY C 203 6.59 -28.56 -5.58
N ASP C 204 5.90 -27.65 -4.92
CA ASP C 204 5.53 -26.38 -5.55
C ASP C 204 6.77 -25.57 -5.89
N VAL C 205 6.77 -24.98 -7.08
CA VAL C 205 7.92 -24.24 -7.60
C VAL C 205 7.71 -22.77 -7.29
N MET C 206 8.71 -22.14 -6.66
CA MET C 206 8.55 -20.80 -6.11
C MET C 206 9.21 -19.72 -6.96
N SER C 207 10.50 -19.88 -7.30
CA SER C 207 11.29 -18.78 -7.83
C SER C 207 11.96 -19.18 -9.13
N LEU C 208 12.14 -18.18 -10.01
CA LEU C 208 12.87 -18.33 -11.25
C LEU C 208 13.95 -17.26 -11.35
N SER C 209 15.02 -17.58 -12.07
CA SER C 209 16.07 -16.62 -12.37
C SER C 209 16.64 -16.92 -13.75
N LEU C 210 16.66 -15.91 -14.60
CA LEU C 210 17.05 -16.07 -16.00
C LEU C 210 18.47 -15.58 -16.21
N ALA C 211 19.26 -16.36 -16.94
CA ALA C 211 20.67 -16.04 -17.12
C ALA C 211 20.84 -14.80 -17.99
N PRO C 212 21.96 -14.09 -17.85
CA PRO C 212 22.23 -12.96 -18.74
C PRO C 212 22.28 -13.33 -20.21
N ASP C 213 22.68 -14.55 -20.54
CA ASP C 213 22.80 -15.00 -21.92
C ASP C 213 21.50 -15.57 -22.47
N THR C 214 20.42 -15.54 -21.69
CA THR C 214 19.09 -16.00 -22.12
C THR C 214 19.14 -17.44 -22.63
N ARG C 215 19.93 -18.28 -21.97
CA ARG C 215 20.11 -19.66 -22.38
C ARG C 215 19.70 -20.67 -21.33
N LEU C 216 19.82 -20.35 -20.04
CA LEU C 216 19.46 -21.25 -18.97
C LEU C 216 18.67 -20.50 -17.90
N PHE C 217 17.84 -21.24 -17.16
CA PHE C 217 17.11 -20.66 -16.05
C PHE C 217 17.10 -21.63 -14.88
N VAL C 218 16.88 -21.08 -13.69
CA VAL C 218 16.99 -21.80 -12.43
C VAL C 218 15.66 -21.72 -11.69
N SER C 219 15.25 -22.83 -11.10
CA SER C 219 13.98 -22.89 -10.37
C SER C 219 14.20 -23.54 -9.01
N GLY C 220 13.65 -22.90 -7.97
CA GLY C 220 13.61 -23.49 -6.65
C GLY C 220 12.22 -24.00 -6.33
N ALA C 221 12.10 -24.94 -5.40
CA ALA C 221 10.82 -25.58 -5.13
C ALA C 221 10.74 -25.96 -3.66
N CYS C 222 9.56 -26.43 -3.26
CA CYS C 222 9.27 -26.78 -1.88
C CYS C 222 9.89 -28.09 -1.43
N ASP C 223 10.55 -28.81 -2.33
CA ASP C 223 11.23 -30.05 -1.99
C ASP C 223 12.68 -29.82 -1.56
N ALA C 224 13.07 -28.57 -1.33
CA ALA C 224 14.42 -28.22 -0.89
C ALA C 224 15.47 -28.65 -1.90
N SER C 225 15.17 -28.44 -3.18
CA SER C 225 16.09 -28.76 -4.25
C SER C 225 16.00 -27.68 -5.32
N ALA C 226 17.08 -27.53 -6.09
CA ALA C 226 17.15 -26.55 -7.16
C ALA C 226 17.75 -27.19 -8.39
N LYS C 227 17.22 -26.85 -9.55
CA LYS C 227 17.60 -27.49 -10.80
C LYS C 227 17.99 -26.44 -11.84
N LEU C 228 18.93 -26.81 -12.70
CA LEU C 228 19.33 -26.00 -13.84
C LEU C 228 18.73 -26.62 -15.10
N TRP C 229 18.05 -25.79 -15.89
CA TRP C 229 17.31 -26.25 -17.05
C TRP C 229 17.88 -25.68 -18.34
N ASP C 230 17.79 -26.48 -19.41
CA ASP C 230 18.19 -26.06 -20.74
C ASP C 230 16.95 -25.63 -21.50
N VAL C 231 16.90 -24.35 -21.88
CA VAL C 231 15.72 -23.80 -22.55
C VAL C 231 15.52 -24.45 -23.91
N ARG C 232 16.60 -24.61 -24.67
CA ARG C 232 16.49 -25.06 -26.05
C ARG C 232 16.14 -26.53 -26.19
N GLU C 233 16.43 -27.35 -25.17
CA GLU C 233 16.19 -28.79 -25.25
C GLU C 233 15.12 -29.30 -24.30
N GLY C 234 14.88 -28.61 -23.18
CA GLY C 234 13.86 -29.04 -22.25
C GLY C 234 14.28 -30.15 -21.31
N MET C 235 15.58 -30.28 -21.05
CA MET C 235 16.10 -31.34 -20.20
C MET C 235 16.82 -30.72 -19.01
N CYS C 236 16.66 -31.36 -17.85
CA CYS C 236 17.32 -30.92 -16.63
C CYS C 236 18.79 -31.32 -16.66
N ARG C 237 19.68 -30.39 -16.35
CA ARG C 237 21.11 -30.62 -16.42
C ARG C 237 21.73 -30.98 -15.07
N GLN C 238 21.36 -30.28 -14.00
CA GLN C 238 21.94 -30.52 -12.69
C GLN C 238 20.86 -30.38 -11.62
N THR C 239 21.08 -31.06 -10.49
CA THR C 239 20.19 -30.99 -9.35
C THR C 239 21.01 -30.74 -8.09
N PHE C 240 20.59 -29.77 -7.29
CA PHE C 240 21.28 -29.41 -6.06
C PHE C 240 20.38 -29.64 -4.85
N THR C 241 20.99 -30.00 -3.73
CA THR C 241 20.29 -30.21 -2.47
C THR C 241 21.07 -29.53 -1.35
N GLY C 242 20.52 -29.60 -0.14
CA GLY C 242 21.18 -29.03 1.02
C GLY C 242 20.25 -28.32 1.99
N HIS C 243 19.15 -27.75 1.48
CA HIS C 243 18.22 -27.07 2.34
C HIS C 243 17.32 -28.05 3.07
N GLU C 244 16.78 -27.60 4.21
CA GLU C 244 15.91 -28.41 5.05
C GLU C 244 14.43 -28.07 4.90
N SER C 245 14.08 -27.08 4.09
CA SER C 245 12.69 -26.66 3.98
C SER C 245 12.47 -26.03 2.61
N ASP C 246 11.32 -25.39 2.44
CA ASP C 246 10.94 -24.82 1.15
C ASP C 246 11.85 -23.64 0.79
N ILE C 247 12.14 -23.50 -0.51
CA ILE C 247 12.97 -22.42 -1.03
C ILE C 247 12.06 -21.34 -1.60
N ASN C 248 12.27 -20.09 -1.16
CA ASN C 248 11.39 -18.99 -1.54
C ASN C 248 11.95 -18.05 -2.59
N ALA C 249 13.27 -17.95 -2.74
CA ALA C 249 13.85 -17.00 -3.68
C ALA C 249 15.15 -17.55 -4.23
N ILE C 250 15.41 -17.25 -5.50
CA ILE C 250 16.64 -17.62 -6.17
C ILE C 250 17.15 -16.42 -6.97
N CYS C 251 18.44 -16.13 -6.85
CA CYS C 251 19.09 -15.03 -7.55
C CYS C 251 20.27 -15.56 -8.35
N PHE C 252 20.73 -14.75 -9.30
CA PHE C 252 21.74 -15.17 -10.27
C PHE C 252 22.91 -14.21 -10.25
N PHE C 253 24.09 -14.73 -9.97
CA PHE C 253 25.32 -13.94 -10.02
C PHE C 253 25.53 -13.42 -11.45
N PRO C 254 26.07 -12.20 -11.59
CA PRO C 254 26.19 -11.62 -12.94
C PRO C 254 26.99 -12.45 -13.93
N ASN C 255 27.96 -13.24 -13.46
CA ASN C 255 28.83 -13.96 -14.38
C ASN C 255 28.21 -15.24 -14.93
N GLY C 256 27.04 -15.65 -14.44
CA GLY C 256 26.34 -16.78 -15.00
C GLY C 256 26.74 -18.14 -14.46
N ASN C 257 27.56 -18.20 -13.41
CA ASN C 257 28.07 -19.46 -12.91
C ASN C 257 27.77 -19.68 -11.43
N ALA C 258 26.80 -18.99 -10.87
CA ALA C 258 26.53 -19.11 -9.44
C ALA C 258 25.05 -18.93 -9.15
N PHE C 259 24.60 -19.56 -8.06
CA PHE C 259 23.24 -19.46 -7.56
C PHE C 259 23.23 -18.72 -6.22
N ALA C 260 22.10 -18.08 -5.92
CA ALA C 260 21.84 -17.56 -4.59
C ALA C 260 20.42 -17.96 -4.22
N THR C 261 20.27 -18.69 -3.11
CA THR C 261 18.97 -19.25 -2.73
C THR C 261 18.62 -18.87 -1.30
N GLY C 262 17.31 -18.76 -1.05
CA GLY C 262 16.82 -18.50 0.29
C GLY C 262 15.69 -19.45 0.64
N SER C 263 15.54 -19.72 1.94
CA SER C 263 14.56 -20.68 2.42
C SER C 263 14.02 -20.23 3.76
N ASP C 264 13.03 -20.99 4.26
CA ASP C 264 12.35 -20.65 5.50
C ASP C 264 13.10 -21.09 6.74
N ASP C 265 14.23 -21.77 6.60
CA ASP C 265 15.06 -22.15 7.74
C ASP C 265 16.09 -21.07 8.10
N ALA C 266 15.91 -19.85 7.60
CA ALA C 266 16.77 -18.71 7.92
C ALA C 266 18.22 -18.96 7.48
N THR C 267 18.38 -19.57 6.30
CA THR C 267 19.70 -19.91 5.80
C THR C 267 19.80 -19.55 4.32
N CYS C 268 20.93 -18.95 3.95
CA CYS C 268 21.25 -18.69 2.55
C CYS C 268 22.46 -19.53 2.14
N ARG C 269 22.47 -19.95 0.87
CA ARG C 269 23.51 -20.82 0.37
C ARG C 269 23.99 -20.32 -0.98
N LEU C 270 25.25 -20.60 -1.29
CA LEU C 270 25.86 -20.25 -2.56
C LEU C 270 26.22 -21.53 -3.29
N PHE C 271 25.70 -21.68 -4.50
CA PHE C 271 25.97 -22.83 -5.34
C PHE C 271 26.74 -22.42 -6.58
N ASP C 272 27.60 -23.30 -7.06
CA ASP C 272 28.37 -23.08 -8.28
C ASP C 272 28.01 -24.16 -9.30
N LEU C 273 27.91 -23.75 -10.56
CA LEU C 273 27.55 -24.65 -11.64
C LEU C 273 28.72 -25.45 -12.18
N ARG C 274 29.96 -25.11 -11.80
CA ARG C 274 31.13 -25.83 -12.24
C ARG C 274 31.71 -26.75 -11.18
N ALA C 275 31.69 -26.36 -9.90
CA ALA C 275 32.09 -27.25 -8.83
C ALA C 275 30.97 -28.19 -8.40
N ASP C 276 29.73 -27.88 -8.77
CA ASP C 276 28.57 -28.75 -8.51
C ASP C 276 28.42 -29.05 -7.03
N GLN C 277 28.58 -28.02 -6.20
CA GLN C 277 28.44 -28.16 -4.75
C GLN C 277 28.36 -26.76 -4.13
N GLU C 278 28.06 -26.73 -2.85
CA GLU C 278 27.88 -25.48 -2.11
C GLU C 278 29.22 -24.84 -1.79
N LEU C 279 29.23 -23.51 -1.72
CA LEU C 279 30.44 -22.74 -1.47
C LEU C 279 30.44 -22.03 -0.12
N MET C 280 29.33 -21.39 0.25
CA MET C 280 29.29 -20.59 1.47
C MET C 280 27.86 -20.51 1.99
N THR C 281 27.72 -20.47 3.31
CA THR C 281 26.43 -20.44 3.99
C THR C 281 26.31 -19.15 4.80
N TYR C 282 25.19 -18.45 4.64
CA TYR C 282 24.93 -17.18 5.32
C TYR C 282 23.85 -17.40 6.36
N SER C 283 24.22 -17.32 7.64
CA SER C 283 23.26 -17.48 8.72
C SER C 283 23.80 -16.83 9.97
N HIS C 284 22.90 -16.64 10.95
CA HIS C 284 23.27 -16.05 12.23
C HIS C 284 22.34 -16.59 13.30
N ASP C 285 22.85 -16.63 14.53
CA ASP C 285 22.09 -17.22 15.63
C ASP C 285 20.86 -16.37 16.00
N ASN C 286 20.90 -15.07 15.73
CA ASN C 286 19.83 -14.17 16.14
C ASN C 286 18.70 -14.05 15.12
N ILE C 287 18.79 -14.77 14.00
CA ILE C 287 17.76 -14.71 12.96
C ILE C 287 16.99 -16.02 13.00
N ILE C 288 15.70 -15.93 13.28
CA ILE C 288 14.83 -17.11 13.36
C ILE C 288 13.61 -16.96 12.46
N CYS C 289 13.66 -16.07 11.49
CA CYS C 289 12.54 -15.82 10.59
C CYS C 289 12.88 -16.26 9.18
N GLY C 290 11.86 -16.27 8.31
CA GLY C 290 12.05 -16.69 6.94
C GLY C 290 12.71 -15.63 6.07
N ILE C 291 13.06 -16.06 4.86
CA ILE C 291 13.66 -15.19 3.84
C ILE C 291 12.70 -15.13 2.66
N THR C 292 12.42 -13.91 2.20
CA THR C 292 11.44 -13.71 1.14
C THR C 292 12.03 -13.33 -0.21
N SER C 293 13.20 -12.70 -0.23
CA SER C 293 13.80 -12.28 -1.49
C SER C 293 15.30 -12.20 -1.35
N VAL C 294 16.00 -12.42 -2.47
CA VAL C 294 17.46 -12.33 -2.54
C VAL C 294 17.82 -11.60 -3.82
N SER C 295 18.78 -10.69 -3.73
CA SER C 295 19.19 -9.92 -4.90
C SER C 295 20.65 -9.53 -4.78
N PHE C 296 21.26 -9.24 -5.93
CA PHE C 296 22.67 -8.94 -6.03
C PHE C 296 22.89 -7.51 -6.50
N SER C 297 24.08 -6.99 -6.22
CA SER C 297 24.52 -5.75 -6.80
C SER C 297 25.14 -6.00 -8.17
N LYS C 298 25.59 -4.93 -8.83
CA LYS C 298 26.22 -5.08 -10.14
C LYS C 298 27.49 -5.92 -10.05
N SER C 299 28.38 -5.57 -9.11
CA SER C 299 29.67 -6.22 -9.02
C SER C 299 29.62 -7.55 -8.30
N GLY C 300 28.54 -7.85 -7.58
CA GLY C 300 28.42 -9.09 -6.85
C GLY C 300 29.06 -9.08 -5.48
N ARG C 301 29.60 -7.95 -5.03
CA ARG C 301 30.24 -7.91 -3.72
C ARG C 301 29.21 -7.87 -2.59
N LEU C 302 28.08 -7.21 -2.81
CA LEU C 302 27.03 -7.10 -1.80
C LEU C 302 25.89 -8.05 -2.11
N LEU C 303 25.35 -8.69 -1.07
CA LEU C 303 24.20 -9.58 -1.18
C LEU C 303 23.08 -9.04 -0.31
N LEU C 304 21.91 -8.84 -0.91
CA LEU C 304 20.76 -8.27 -0.22
C LEU C 304 19.69 -9.34 -0.04
N ALA C 305 19.03 -9.32 1.11
CA ALA C 305 18.03 -10.32 1.45
C ALA C 305 16.92 -9.70 2.28
N GLY C 306 15.70 -10.15 2.04
CA GLY C 306 14.55 -9.73 2.83
C GLY C 306 14.16 -10.78 3.85
N TYR C 307 13.72 -10.31 5.01
CA TYR C 307 13.43 -11.18 6.15
C TYR C 307 12.05 -10.84 6.71
N ASP C 308 11.55 -11.74 7.56
CA ASP C 308 10.28 -11.52 8.24
C ASP C 308 10.40 -10.70 9.52
N ASP C 309 11.63 -10.34 9.92
CA ASP C 309 11.85 -9.51 11.10
C ASP C 309 11.59 -8.03 10.84
N PHE C 310 10.91 -7.72 9.73
CA PHE C 310 10.52 -6.36 9.36
C PHE C 310 11.71 -5.50 8.96
N ASN C 311 12.82 -6.12 8.55
CA ASN C 311 14.02 -5.40 8.15
C ASN C 311 14.76 -6.22 7.10
N CYS C 312 15.72 -5.58 6.45
CA CYS C 312 16.48 -6.19 5.37
C CYS C 312 17.97 -6.12 5.71
N ASN C 313 18.68 -7.21 5.45
CA ASN C 313 20.08 -7.34 5.82
C ASN C 313 20.97 -7.19 4.59
N VAL C 314 22.17 -6.68 4.82
CA VAL C 314 23.19 -6.53 3.78
C VAL C 314 24.32 -7.50 4.10
N TRP C 315 24.61 -8.39 3.16
CA TRP C 315 25.57 -9.46 3.36
C TRP C 315 26.78 -9.28 2.46
N ASP C 316 27.93 -9.74 2.94
CA ASP C 316 29.15 -9.79 2.14
C ASP C 316 29.26 -11.18 1.53
N ALA C 317 29.13 -11.26 0.21
CA ALA C 317 29.03 -12.57 -0.45
C ALA C 317 30.30 -13.39 -0.32
N LEU C 318 31.45 -12.74 -0.22
CA LEU C 318 32.72 -13.44 -0.17
C LEU C 318 33.19 -13.75 1.25
N LYS C 319 32.52 -13.22 2.27
CA LYS C 319 32.92 -13.44 3.66
C LYS C 319 31.79 -13.90 4.56
N ALA C 320 30.54 -13.90 4.09
CA ALA C 320 29.38 -14.29 4.90
C ALA C 320 29.27 -13.43 6.16
N ASP C 321 29.58 -12.14 6.02
CA ASP C 321 29.48 -11.19 7.10
C ASP C 321 28.24 -10.32 6.89
N ARG C 322 27.97 -9.45 7.87
CA ARG C 322 26.82 -8.54 7.82
C ARG C 322 27.37 -7.12 7.70
N ALA C 323 27.11 -6.48 6.55
CA ALA C 323 27.62 -5.16 6.28
C ALA C 323 26.67 -4.04 6.68
N GLY C 324 25.37 -4.31 6.75
CA GLY C 324 24.42 -3.27 7.07
C GLY C 324 23.02 -3.83 7.18
N VAL C 325 22.08 -2.92 7.43
CA VAL C 325 20.68 -3.28 7.63
C VAL C 325 19.81 -2.09 7.29
N LEU C 326 18.66 -2.36 6.68
CA LEU C 326 17.66 -1.35 6.38
C LEU C 326 16.42 -1.65 7.22
N ALA C 327 15.99 -0.66 8.01
CA ALA C 327 14.95 -0.86 9.01
C ALA C 327 13.90 0.24 8.95
N GLY C 328 13.38 0.50 7.76
CA GLY C 328 12.39 1.56 7.60
C GLY C 328 10.97 1.09 7.45
N HIS C 329 10.73 -0.21 7.47
CA HIS C 329 9.42 -0.78 7.25
C HIS C 329 8.79 -1.24 8.57
N ASP C 330 7.46 -1.31 8.56
CA ASP C 330 6.68 -1.68 9.75
C ASP C 330 6.03 -3.06 9.62
N ASN C 331 6.43 -3.86 8.65
CA ASN C 331 5.83 -5.18 8.44
C ASN C 331 6.78 -6.01 7.60
N ARG C 332 6.29 -7.17 7.15
CA ARG C 332 7.10 -8.08 6.35
C ARG C 332 7.58 -7.42 5.08
N VAL C 333 8.84 -7.68 4.72
CA VAL C 333 9.39 -7.26 3.44
C VAL C 333 9.13 -8.35 2.42
N SER C 334 8.50 -8.00 1.30
CA SER C 334 8.10 -8.98 0.30
C SER C 334 8.78 -8.82 -1.05
N CYS C 335 9.35 -7.65 -1.35
CA CYS C 335 9.96 -7.40 -2.64
C CYS C 335 11.33 -6.77 -2.46
N LEU C 336 12.21 -7.01 -3.42
CA LEU C 336 13.54 -6.43 -3.41
C LEU C 336 14.11 -6.45 -4.83
N GLY C 337 14.73 -5.34 -5.24
CA GLY C 337 15.23 -5.23 -6.60
C GLY C 337 16.32 -4.18 -6.71
N VAL C 338 17.11 -4.32 -7.77
CA VAL C 338 18.26 -3.45 -8.02
C VAL C 338 18.19 -2.96 -9.46
N THR C 339 18.58 -1.71 -9.68
CA THR C 339 18.57 -1.12 -11.00
C THR C 339 19.71 -1.66 -11.86
N ASP C 340 19.59 -1.48 -13.17
CA ASP C 340 20.62 -1.96 -14.09
C ASP C 340 21.89 -1.13 -14.00
N ASP C 341 21.79 0.14 -13.61
CA ASP C 341 22.97 0.96 -13.39
C ASP C 341 23.50 0.88 -11.97
N GLY C 342 22.79 0.19 -11.08
CA GLY C 342 23.28 -0.07 -9.73
C GLY C 342 23.22 1.10 -8.77
N MET C 343 22.56 2.20 -9.14
CA MET C 343 22.55 3.40 -8.32
C MET C 343 21.38 3.48 -7.35
N ALA C 344 20.54 2.45 -7.29
CA ALA C 344 19.39 2.51 -6.39
C ALA C 344 18.95 1.09 -6.02
N VAL C 345 18.26 1.00 -4.89
CA VAL C 345 17.63 -0.24 -4.43
C VAL C 345 16.21 0.09 -4.01
N ALA C 346 15.26 -0.74 -4.43
CA ALA C 346 13.86 -0.57 -4.10
C ALA C 346 13.38 -1.72 -3.24
N THR C 347 12.51 -1.42 -2.27
CA THR C 347 11.98 -2.40 -1.35
C THR C 347 10.47 -2.25 -1.26
N GLY C 348 9.80 -3.34 -0.93
CA GLY C 348 8.36 -3.32 -0.76
C GLY C 348 7.98 -4.15 0.45
N SER C 349 6.91 -3.72 1.11
CA SER C 349 6.46 -4.35 2.34
C SER C 349 4.94 -4.43 2.35
N TRP C 350 4.41 -5.08 3.38
CA TRP C 350 2.97 -5.26 3.52
C TRP C 350 2.27 -4.02 4.09
N ASP C 351 3.01 -2.96 4.37
CA ASP C 351 2.45 -1.73 4.90
C ASP C 351 1.98 -0.76 3.82
N SER C 352 2.00 -1.18 2.56
CA SER C 352 1.56 -0.40 1.40
C SER C 352 2.52 0.72 1.02
N PHE C 353 3.80 0.62 1.39
CA PHE C 353 4.77 1.66 1.09
C PHE C 353 5.96 1.08 0.35
N LEU C 354 6.50 1.89 -0.56
CA LEU C 354 7.72 1.59 -1.29
C LEU C 354 8.79 2.61 -0.93
N LYS C 355 10.04 2.15 -0.88
CA LYS C 355 11.16 3.02 -0.52
C LYS C 355 12.31 2.82 -1.50
N ILE C 356 12.97 3.91 -1.86
CA ILE C 356 14.13 3.89 -2.74
C ILE C 356 15.34 4.31 -1.92
N TRP C 357 16.36 3.46 -1.90
CA TRP C 357 17.52 3.63 -1.04
C TRP C 357 18.77 3.91 -1.87
N ASN C 358 19.65 4.75 -1.31
CA ASN C 358 20.90 5.10 -1.97
C ASN C 358 21.91 5.58 -0.94
N VAL D 16 16.55 -43.14 -12.53
CA VAL D 16 17.74 -43.90 -12.86
C VAL D 16 18.49 -43.24 -14.02
N GLU D 17 17.74 -42.93 -15.08
CA GLU D 17 18.34 -42.27 -16.24
C GLU D 17 18.84 -40.88 -15.89
N GLN D 18 18.09 -40.13 -15.07
CA GLN D 18 18.49 -38.78 -14.72
C GLN D 18 19.79 -38.77 -13.93
N LEU D 19 19.92 -39.69 -12.96
CA LEU D 19 21.16 -39.77 -12.19
C LEU D 19 22.34 -40.15 -13.08
N LYS D 20 22.14 -41.08 -14.01
CA LYS D 20 23.22 -41.47 -14.92
C LYS D 20 23.64 -40.30 -15.79
N MET D 21 22.68 -39.54 -16.31
CA MET D 21 23.02 -38.38 -17.13
C MET D 21 23.74 -37.31 -16.30
N GLU D 22 23.29 -37.08 -15.07
CA GLU D 22 23.93 -36.08 -14.22
C GLU D 22 25.34 -36.52 -13.80
N ALA D 23 25.59 -37.82 -13.75
CA ALA D 23 26.92 -38.29 -13.37
C ALA D 23 27.98 -37.93 -14.39
N ASN D 24 27.59 -37.75 -15.65
CA ASN D 24 28.55 -37.49 -16.73
C ASN D 24 28.74 -35.98 -16.92
N ILE D 25 29.31 -35.36 -15.88
CA ILE D 25 29.59 -33.93 -15.88
C ILE D 25 31.08 -33.74 -15.65
N ASP D 26 31.69 -32.87 -16.47
CA ASP D 26 33.10 -32.54 -16.31
C ASP D 26 33.24 -31.47 -15.24
N ARG D 27 33.73 -31.85 -14.07
CA ARG D 27 33.84 -30.94 -12.94
C ARG D 27 35.26 -30.41 -12.80
N ILE D 28 35.37 -29.26 -12.15
CA ILE D 28 36.65 -28.61 -11.88
C ILE D 28 36.79 -28.42 -10.37
N LYS D 29 37.92 -27.88 -9.97
CA LYS D 29 38.19 -27.67 -8.56
C LYS D 29 37.34 -26.53 -8.01
N VAL D 30 37.03 -26.61 -6.72
CA VAL D 30 36.29 -25.54 -6.06
C VAL D 30 37.16 -24.27 -5.98
N SER D 31 38.47 -24.44 -5.78
CA SER D 31 39.37 -23.30 -5.71
C SER D 31 39.37 -22.51 -7.01
N LYS D 32 39.29 -23.21 -8.15
CA LYS D 32 39.29 -22.50 -9.44
C LYS D 32 38.03 -21.66 -9.60
N ALA D 33 36.87 -22.21 -9.28
CA ALA D 33 35.63 -21.45 -9.38
C ALA D 33 35.61 -20.30 -8.39
N ALA D 34 36.15 -20.51 -7.20
CA ALA D 34 36.17 -19.44 -6.21
C ALA D 34 37.12 -18.31 -6.62
N ALA D 35 38.27 -18.67 -7.21
CA ALA D 35 39.20 -17.66 -7.71
C ALA D 35 38.57 -16.88 -8.85
N ASP D 36 37.80 -17.56 -9.71
CA ASP D 36 37.10 -16.87 -10.80
C ASP D 36 36.07 -15.90 -10.24
N LEU D 37 35.32 -16.31 -9.22
CA LEU D 37 34.36 -15.40 -8.59
C LEU D 37 35.06 -14.20 -7.97
N MET D 38 36.17 -14.42 -7.27
CA MET D 38 36.91 -13.31 -6.69
C MET D 38 37.44 -12.38 -7.77
N ALA D 39 37.94 -12.94 -8.87
CA ALA D 39 38.47 -12.12 -9.96
C ALA D 39 37.38 -11.27 -10.59
N TYR D 40 36.20 -11.86 -10.79
CA TYR D 40 35.08 -11.10 -11.33
C TYR D 40 34.69 -9.97 -10.39
N CYS D 41 34.66 -10.24 -9.08
CA CYS D 41 34.32 -9.20 -8.12
C CYS D 41 35.33 -8.07 -8.15
N GLU D 42 36.62 -8.41 -8.22
CA GLU D 42 37.67 -7.38 -8.21
C GLU D 42 37.70 -6.60 -9.52
N ALA D 43 37.35 -7.24 -10.64
CA ALA D 43 37.52 -6.61 -11.95
C ALA D 43 36.61 -5.40 -12.11
N HIS D 44 35.37 -5.49 -11.63
CA HIS D 44 34.38 -4.44 -11.83
C HIS D 44 34.08 -3.66 -10.56
N ALA D 45 35.04 -3.57 -9.64
CA ALA D 45 34.82 -2.88 -8.37
C ALA D 45 34.55 -1.39 -8.60
N LYS D 46 35.28 -0.77 -9.53
CA LYS D 46 35.17 0.66 -9.75
C LYS D 46 33.83 1.08 -10.33
N GLU D 47 33.05 0.14 -10.89
CA GLU D 47 31.79 0.45 -11.53
C GLU D 47 30.59 0.31 -10.60
N ASP D 48 30.81 0.02 -9.33
CA ASP D 48 29.72 -0.21 -8.39
C ASP D 48 29.46 1.07 -7.60
N PRO D 49 28.33 1.74 -7.79
CA PRO D 49 28.07 2.98 -7.04
C PRO D 49 27.57 2.76 -5.62
N LEU D 50 27.19 1.54 -5.25
CA LEU D 50 26.74 1.26 -3.89
C LEU D 50 27.87 0.81 -2.99
N LEU D 51 28.92 0.21 -3.55
CA LEU D 51 30.05 -0.25 -2.75
C LEU D 51 30.99 0.88 -2.40
N ALA D 56 27.55 13.63 -4.69
CA ALA D 56 26.30 14.39 -4.59
C ALA D 56 25.91 14.99 -5.93
N SER D 57 26.92 15.38 -6.72
CA SER D 57 26.67 15.93 -8.04
C SER D 57 26.32 14.87 -9.07
N GLU D 58 26.63 13.61 -8.80
CA GLU D 58 26.34 12.53 -9.72
C GLU D 58 25.09 11.72 -9.35
N ASN D 59 24.65 11.80 -8.11
CA ASN D 59 23.50 11.04 -7.66
C ASN D 59 22.22 11.62 -8.27
N PRO D 60 21.45 10.82 -9.04
CA PRO D 60 20.20 11.33 -9.58
C PRO D 60 19.10 11.50 -8.54
N PHE D 61 19.28 10.97 -7.33
CA PHE D 61 18.27 11.08 -6.30
C PHE D 61 18.63 12.17 -5.29
N VAL E 2 -8.39 7.07 -34.11
CA VAL E 2 -7.77 8.38 -34.07
C VAL E 2 -8.26 9.23 -35.24
N GLN E 3 -9.22 10.12 -34.96
CA GLN E 3 -9.78 10.99 -35.98
C GLN E 3 -10.31 12.25 -35.31
N LEU E 4 -9.97 13.41 -35.87
CA LEU E 4 -10.39 14.70 -35.35
C LEU E 4 -11.07 15.48 -36.45
N VAL E 5 -12.29 15.94 -36.20
CA VAL E 5 -13.09 16.67 -37.16
C VAL E 5 -13.51 17.99 -36.54
N GLU E 6 -13.25 19.09 -37.25
CA GLU E 6 -13.67 20.42 -36.81
C GLU E 6 -14.89 20.87 -37.61
N SER E 7 -15.66 21.78 -37.02
CA SER E 7 -16.89 22.27 -37.63
C SER E 7 -16.97 23.78 -37.42
N GLY E 8 -18.04 24.37 -37.93
CA GLY E 8 -18.24 25.81 -37.81
C GLY E 8 -17.59 26.57 -38.95
N GLY E 9 -17.37 27.85 -38.71
CA GLY E 9 -16.76 28.72 -39.70
C GLY E 9 -17.78 29.46 -40.53
N GLY E 10 -17.26 30.20 -41.51
CA GLY E 10 -18.11 30.98 -42.39
C GLY E 10 -17.71 32.43 -42.49
N LEU E 11 -18.60 33.28 -43.00
CA LEU E 11 -18.35 34.70 -43.18
C LEU E 11 -19.07 35.49 -42.10
N VAL E 12 -18.34 36.38 -41.43
CA VAL E 12 -18.89 37.22 -40.38
C VAL E 12 -18.45 38.66 -40.61
N GLN E 13 -19.18 39.59 -39.99
CA GLN E 13 -18.87 41.01 -40.02
C GLN E 13 -18.08 41.41 -38.79
N PRO E 14 -17.22 42.42 -38.90
CA PRO E 14 -16.43 42.85 -37.73
C PRO E 14 -17.32 43.27 -36.58
N GLY E 15 -16.91 42.90 -35.37
CA GLY E 15 -17.69 43.14 -34.17
C GLY E 15 -18.67 42.04 -33.82
N GLY E 16 -18.82 41.02 -34.67
CA GLY E 16 -19.71 39.92 -34.41
C GLY E 16 -19.06 38.82 -33.59
N SER E 17 -19.72 37.67 -33.55
CA SER E 17 -19.24 36.56 -32.76
C SER E 17 -19.58 35.25 -33.46
N ARG E 18 -18.79 34.22 -33.16
CA ARG E 18 -19.02 32.88 -33.67
C ARG E 18 -18.33 31.90 -32.74
N LYS E 19 -18.86 30.67 -32.71
CA LYS E 19 -18.39 29.63 -31.80
C LYS E 19 -17.96 28.42 -32.61
N LEU E 20 -16.80 27.88 -32.28
CA LEU E 20 -16.23 26.73 -32.98
C LEU E 20 -16.41 25.45 -32.17
N SER E 21 -16.42 24.33 -32.88
CA SER E 21 -16.61 23.03 -32.26
C SER E 21 -15.69 22.01 -32.93
N CYS E 22 -15.35 20.96 -32.17
CA CYS E 22 -14.52 19.87 -32.67
C CYS E 22 -15.03 18.56 -32.07
N SER E 23 -15.14 17.54 -32.92
CA SER E 23 -15.59 16.22 -32.50
C SER E 23 -14.41 15.25 -32.56
N ALA E 24 -14.13 14.59 -31.43
CA ALA E 24 -13.06 13.62 -31.33
C ALA E 24 -13.64 12.21 -31.21
N SER E 25 -12.96 11.25 -31.81
CA SER E 25 -13.39 9.86 -31.76
C SER E 25 -12.20 8.95 -31.97
N GLY E 26 -12.34 7.71 -31.52
CA GLY E 26 -11.32 6.69 -31.71
C GLY E 26 -10.22 6.65 -30.67
N PHE E 27 -10.33 7.40 -29.58
CA PHE E 27 -9.31 7.39 -28.55
C PHE E 27 -9.91 7.92 -27.25
N ALA E 28 -9.16 7.72 -26.16
CA ALA E 28 -9.61 8.10 -24.82
C ALA E 28 -9.48 9.61 -24.66
N PHE E 29 -10.55 10.31 -25.06
CA PHE E 29 -10.53 11.77 -25.11
C PHE E 29 -10.21 12.40 -23.76
N SER E 30 -10.70 11.81 -22.67
CA SER E 30 -10.58 12.44 -21.36
C SER E 30 -9.15 12.45 -20.83
N SER E 31 -8.25 11.66 -21.42
CA SER E 31 -6.87 11.59 -20.95
C SER E 31 -5.93 12.51 -21.71
N PHE E 32 -6.41 13.24 -22.70
CA PHE E 32 -5.57 14.06 -23.57
C PHE E 32 -5.83 15.54 -23.38
N GLY E 33 -4.76 16.33 -23.49
CA GLY E 33 -4.89 17.77 -23.57
C GLY E 33 -5.01 18.23 -25.02
N MET E 34 -5.58 19.43 -25.20
CA MET E 34 -5.89 19.93 -26.52
C MET E 34 -5.38 21.36 -26.67
N HIS E 35 -4.98 21.68 -27.91
CA HIS E 35 -4.54 23.02 -28.27
C HIS E 35 -5.32 23.48 -29.50
N TRP E 36 -5.42 24.79 -29.65
CA TRP E 36 -5.89 25.39 -30.89
C TRP E 36 -4.76 26.22 -31.49
N VAL E 37 -4.42 25.93 -32.74
CA VAL E 37 -3.35 26.62 -33.44
C VAL E 37 -3.92 27.21 -34.73
N ARG E 38 -3.62 28.47 -34.97
CA ARG E 38 -4.19 29.22 -36.07
C ARG E 38 -3.12 29.50 -37.12
N GLN E 39 -3.48 29.35 -38.38
CA GLN E 39 -2.57 29.57 -39.49
C GLN E 39 -3.22 30.51 -40.50
N ALA E 40 -2.53 31.62 -40.82
CA ALA E 40 -2.92 32.66 -41.75
C ALA E 40 -2.31 32.39 -43.13
N PRO E 41 -2.92 32.92 -44.19
CA PRO E 41 -2.39 32.66 -45.54
C PRO E 41 -0.95 33.10 -45.75
N GLU E 42 -0.53 34.21 -45.13
CA GLU E 42 0.81 34.75 -45.36
C GLU E 42 1.55 35.03 -44.06
N LYS E 43 1.20 34.32 -42.98
CA LYS E 43 1.85 34.51 -41.70
C LYS E 43 2.42 33.23 -41.10
N GLY E 44 1.85 32.07 -41.42
CA GLY E 44 2.29 30.83 -40.83
C GLY E 44 1.42 30.42 -39.66
N LEU E 45 2.00 29.59 -38.80
CA LEU E 45 1.29 29.01 -37.67
C LEU E 45 1.38 29.94 -36.46
N GLU E 46 0.28 30.02 -35.71
CA GLU E 46 0.21 30.82 -34.49
C GLU E 46 -0.55 30.06 -33.42
N TRP E 47 -0.09 30.17 -32.17
CA TRP E 47 -0.75 29.51 -31.05
C TRP E 47 -1.84 30.40 -30.49
N VAL E 48 -2.93 29.77 -30.05
CA VAL E 48 -4.10 30.52 -29.56
C VAL E 48 -4.39 30.21 -28.10
N ALA E 49 -4.64 28.93 -27.79
CA ALA E 49 -5.11 28.58 -26.46
C ALA E 49 -4.75 27.14 -26.15
N TYR E 50 -4.84 26.80 -24.86
CA TYR E 50 -4.58 25.45 -24.37
C TYR E 50 -5.47 25.16 -23.17
N ILE E 51 -6.04 23.96 -23.14
CA ILE E 51 -6.86 23.50 -22.01
C ILE E 51 -6.34 22.14 -21.58
N SER E 52 -6.24 21.94 -20.27
CA SER E 52 -5.69 20.70 -19.74
C SER E 52 -6.72 19.58 -19.81
N SER E 53 -6.24 18.36 -19.59
CA SER E 53 -7.12 17.18 -19.65
C SER E 53 -8.22 17.25 -18.61
N GLY E 54 -7.90 17.68 -17.40
CA GLY E 54 -8.86 17.79 -16.32
C GLY E 54 -9.47 19.17 -16.14
N SER E 55 -9.34 20.05 -17.13
CA SER E 55 -9.84 21.43 -17.05
C SER E 55 -9.18 22.22 -15.93
N GLY E 56 -7.98 21.81 -15.51
CA GLY E 56 -7.27 22.46 -14.44
C GLY E 56 -6.74 23.84 -14.80
N THR E 57 -5.87 23.90 -15.80
CA THR E 57 -5.21 25.14 -16.18
C THR E 57 -5.58 25.53 -17.60
N ILE E 58 -5.70 26.84 -17.82
CA ILE E 58 -6.06 27.40 -19.12
C ILE E 58 -5.10 28.55 -19.40
N TYR E 59 -4.57 28.57 -20.62
CA TYR E 59 -3.65 29.60 -21.07
C TYR E 59 -4.18 30.22 -22.35
N TYR E 60 -3.84 31.50 -22.56
CA TYR E 60 -4.28 32.22 -23.75
C TYR E 60 -3.10 32.99 -24.33
N ALA E 61 -3.16 33.23 -25.63
CA ALA E 61 -2.16 34.05 -26.29
C ALA E 61 -2.34 35.51 -25.89
N ASP E 62 -1.26 36.28 -26.06
CA ASP E 62 -1.27 37.69 -25.68
C ASP E 62 -2.12 38.55 -26.61
N THR E 63 -2.56 38.01 -27.75
CA THR E 63 -3.40 38.74 -28.69
C THR E 63 -4.86 38.31 -28.64
N VAL E 64 -5.22 37.41 -27.73
CA VAL E 64 -6.58 36.89 -27.66
C VAL E 64 -7.19 36.99 -26.26
N LYS E 65 -6.44 37.48 -25.28
CA LYS E 65 -6.97 37.55 -23.92
C LYS E 65 -8.14 38.53 -23.85
N GLY E 66 -9.21 38.12 -23.17
CA GLY E 66 -10.37 38.94 -23.01
C GLY E 66 -11.39 38.82 -24.13
N ARG E 67 -11.07 38.11 -25.20
CA ARG E 67 -11.98 37.94 -26.32
C ARG E 67 -12.33 36.49 -26.63
N PHE E 68 -11.43 35.55 -26.34
CA PHE E 68 -11.62 34.14 -26.67
C PHE E 68 -11.83 33.32 -25.41
N THR E 69 -12.68 32.30 -25.50
CA THR E 69 -12.96 31.40 -24.39
C THR E 69 -12.96 29.97 -24.90
N ILE E 70 -12.26 29.08 -24.19
CA ILE E 70 -12.13 27.68 -24.56
C ILE E 70 -12.78 26.82 -23.47
N SER E 71 -13.48 25.77 -23.89
CA SER E 71 -14.18 24.88 -22.96
C SER E 71 -14.07 23.45 -23.45
N ARG E 72 -14.35 22.52 -22.54
CA ARG E 72 -14.21 21.09 -22.78
C ARG E 72 -15.45 20.36 -22.30
N ASP E 73 -15.81 19.28 -23.01
CA ASP E 73 -16.97 18.44 -22.66
C ASP E 73 -16.58 16.98 -22.86
N ASP E 74 -16.10 16.35 -21.78
CA ASP E 74 -15.68 14.95 -21.86
C ASP E 74 -16.82 13.98 -22.18
N PRO E 75 -17.98 14.03 -21.50
CA PRO E 75 -19.04 13.05 -21.80
C PRO E 75 -19.53 13.10 -23.24
N LYS E 76 -19.41 14.24 -23.92
CA LYS E 76 -19.78 14.35 -25.32
C LYS E 76 -18.58 14.34 -26.25
N ASN E 77 -17.36 14.26 -25.71
CA ASN E 77 -16.13 14.18 -26.49
C ASN E 77 -16.03 15.31 -27.51
N THR E 78 -16.32 16.53 -27.06
CA THR E 78 -16.34 17.70 -27.92
C THR E 78 -15.54 18.83 -27.31
N LEU E 79 -15.02 19.70 -28.18
CA LEU E 79 -14.36 20.92 -27.79
C LEU E 79 -15.14 22.12 -28.30
N PHE E 80 -14.97 23.25 -27.62
CA PHE E 80 -15.62 24.49 -28.01
C PHE E 80 -14.69 25.66 -27.80
N LEU E 81 -14.77 26.64 -28.70
CA LEU E 81 -14.00 27.87 -28.62
C LEU E 81 -14.93 29.05 -28.92
N GLN E 82 -15.12 29.92 -27.95
CA GLN E 82 -16.02 31.07 -28.09
C GLN E 82 -15.21 32.31 -28.45
N MET E 83 -15.62 32.98 -29.52
CA MET E 83 -14.92 34.16 -30.02
C MET E 83 -15.88 35.35 -30.07
N THR E 84 -15.42 36.49 -29.56
CA THR E 84 -16.23 37.70 -29.56
C THR E 84 -15.37 38.88 -30.03
N SER E 85 -16.06 39.88 -30.58
CA SER E 85 -15.44 41.11 -31.08
C SER E 85 -14.32 40.79 -32.08
N LEU E 86 -14.69 40.04 -33.10
CA LEU E 86 -13.74 39.60 -34.12
C LEU E 86 -13.19 40.78 -34.90
N ARG E 87 -11.92 40.69 -35.27
CA ARG E 87 -11.24 41.72 -36.05
C ARG E 87 -10.82 41.15 -37.40
N SER E 88 -10.29 42.04 -38.25
CA SER E 88 -9.84 41.61 -39.57
C SER E 88 -8.63 40.70 -39.50
N GLU E 89 -7.84 40.81 -38.43
CA GLU E 89 -6.65 39.97 -38.29
C GLU E 89 -6.99 38.53 -37.88
N ASP E 90 -8.24 38.23 -37.56
CA ASP E 90 -8.63 36.90 -37.12
C ASP E 90 -8.98 35.97 -38.28
N THR E 91 -8.99 36.45 -39.51
CA THR E 91 -9.29 35.59 -40.65
C THR E 91 -8.12 34.65 -40.92
N ALA E 92 -8.31 33.36 -40.67
CA ALA E 92 -7.26 32.37 -40.83
C ALA E 92 -7.87 30.99 -40.61
N MET E 93 -7.05 29.97 -40.87
CA MET E 93 -7.44 28.59 -40.64
C MET E 93 -7.07 28.17 -39.23
N TYR E 94 -7.97 27.43 -38.59
CA TYR E 94 -7.82 27.00 -37.20
C TYR E 94 -7.69 25.49 -37.14
N TYR E 95 -6.73 25.00 -36.37
CA TYR E 95 -6.45 23.58 -36.26
C TYR E 95 -6.65 23.10 -34.83
N CYS E 96 -7.02 21.83 -34.68
CA CYS E 96 -7.16 21.17 -33.39
C CYS E 96 -6.06 20.14 -33.23
N VAL E 97 -5.37 20.15 -32.10
CA VAL E 97 -4.19 19.33 -31.87
C VAL E 97 -4.36 18.59 -30.55
N ARG E 98 -3.94 17.32 -30.53
CA ARG E 98 -4.02 16.47 -29.36
C ARG E 98 -2.67 16.41 -28.65
N SER E 99 -2.71 16.45 -27.33
CA SER E 99 -1.48 16.44 -26.54
C SER E 99 -1.67 15.61 -25.27
N ILE E 100 -0.63 14.85 -24.92
CA ILE E 100 -0.59 14.09 -23.67
C ILE E 100 0.81 14.21 -23.10
N TYR E 101 0.89 14.40 -21.78
CA TYR E 101 2.15 14.74 -21.13
C TYR E 101 2.48 13.72 -20.06
N TYR E 102 3.54 12.95 -20.30
CA TYR E 102 4.15 12.08 -19.30
C TYR E 102 5.52 11.69 -19.81
N TYR E 103 6.23 10.93 -18.99
CA TYR E 103 7.60 10.54 -19.32
C TYR E 103 7.64 9.72 -20.61
N GLY E 104 8.31 10.25 -21.63
CA GLY E 104 8.48 9.56 -22.88
C GLY E 104 7.38 9.74 -23.90
N SER E 105 6.42 10.63 -23.64
CA SER E 105 5.25 10.78 -24.49
C SER E 105 5.58 11.63 -25.73
N SER E 106 4.62 11.69 -26.64
CA SER E 106 4.70 12.51 -27.85
C SER E 106 3.55 13.50 -27.86
N PRO E 107 3.78 14.76 -27.45
CA PRO E 107 2.66 15.68 -27.20
C PRO E 107 2.05 16.33 -28.43
N PHE E 108 2.61 16.16 -29.63
CA PHE E 108 2.09 16.80 -30.83
C PHE E 108 2.00 15.79 -31.97
N ASP E 109 1.41 14.64 -31.69
CA ASP E 109 1.41 13.53 -32.63
C ASP E 109 0.32 13.64 -33.69
N PHE E 110 -0.82 14.25 -33.39
CA PHE E 110 -1.96 14.21 -34.29
C PHE E 110 -2.54 15.60 -34.50
N TRP E 111 -2.86 15.91 -35.75
CA TRP E 111 -3.46 17.18 -36.15
C TRP E 111 -4.76 16.92 -36.91
N GLY E 112 -5.67 17.88 -36.82
CA GLY E 112 -6.96 17.77 -37.49
C GLY E 112 -6.92 18.25 -38.92
N GLN E 113 -8.09 18.62 -39.43
CA GLN E 113 -8.24 19.11 -40.79
C GLN E 113 -8.43 20.61 -40.89
N GLY E 114 -9.21 21.21 -40.00
CA GLY E 114 -9.34 22.65 -39.92
C GLY E 114 -10.58 23.18 -40.61
N THR E 115 -10.98 24.38 -40.20
CA THR E 115 -12.10 25.09 -40.79
C THR E 115 -11.66 26.53 -41.07
N THR E 116 -12.42 27.21 -41.94
CA THR E 116 -12.07 28.54 -42.41
C THR E 116 -13.03 29.57 -41.83
N LEU E 117 -12.47 30.69 -41.37
CA LEU E 117 -13.24 31.81 -40.84
C LEU E 117 -12.83 33.07 -41.57
N THR E 118 -13.82 33.82 -42.05
CA THR E 118 -13.59 35.02 -42.85
C THR E 118 -14.24 36.22 -42.17
N VAL E 119 -13.50 37.32 -42.07
CA VAL E 119 -13.98 38.56 -41.47
C VAL E 119 -14.00 39.63 -42.54
N SER E 120 -15.15 40.28 -42.71
CA SER E 120 -15.34 41.34 -43.70
C SER E 120 -14.96 40.88 -45.11
N SER E 136 10.31 39.38 -24.15
CA SER E 136 10.20 38.25 -23.24
C SER E 136 9.97 36.95 -24.00
N ASP E 137 9.18 37.04 -25.07
CA ASP E 137 8.90 35.88 -25.90
C ASP E 137 10.17 35.39 -26.60
N ILE E 138 10.27 34.07 -26.76
CA ILE E 138 11.42 33.48 -27.42
C ILE E 138 11.21 33.57 -28.93
N VAL E 139 12.17 34.16 -29.63
CA VAL E 139 12.08 34.36 -31.07
C VAL E 139 12.74 33.19 -31.77
N MET E 140 11.98 32.54 -32.65
CA MET E 140 12.50 31.46 -33.48
C MET E 140 12.75 32.00 -34.88
N THR E 141 13.98 31.84 -35.35
CA THR E 141 14.43 32.46 -36.60
C THR E 141 14.82 31.40 -37.61
N GLN E 142 14.21 31.47 -38.79
CA GLN E 142 14.65 30.74 -39.97
C GLN E 142 14.88 31.75 -41.09
N ALA E 143 15.88 31.49 -41.93
CA ALA E 143 16.12 32.41 -43.05
C ALA E 143 16.53 31.56 -44.26
N THR E 144 15.52 31.15 -45.02
CA THR E 144 15.63 30.68 -46.39
C THR E 144 14.23 30.63 -46.95
N SER E 145 14.03 31.16 -48.15
CA SER E 145 12.71 31.19 -48.75
C SER E 145 12.41 29.94 -49.56
N SER E 146 13.39 29.42 -50.30
CA SER E 146 13.18 28.23 -51.11
C SER E 146 14.52 27.54 -51.33
N VAL E 147 14.52 26.23 -51.18
CA VAL E 147 15.71 25.42 -51.42
C VAL E 147 15.46 24.53 -52.62
N PRO E 148 15.97 24.88 -53.80
CA PRO E 148 15.73 24.04 -54.99
C PRO E 148 16.44 22.70 -54.87
N VAL E 149 15.80 21.68 -55.43
CA VAL E 149 16.35 20.32 -55.38
C VAL E 149 15.65 19.43 -56.43
N PRO E 151 15.75 14.33 -56.74
CA PRO E 151 15.62 13.09 -55.99
C PRO E 151 16.96 12.42 -55.72
N GLY E 152 17.11 11.86 -54.52
CA GLY E 152 18.33 11.18 -54.14
C GLY E 152 19.40 12.07 -53.57
N GLU E 153 19.17 13.37 -53.45
CA GLU E 153 20.14 14.30 -52.91
C GLU E 153 19.86 14.57 -51.44
N SER E 154 20.90 15.06 -50.75
CA SER E 154 20.78 15.37 -49.33
C SER E 154 20.39 16.83 -49.15
N VAL E 155 19.49 17.07 -48.19
CA VAL E 155 18.97 18.40 -47.89
C VAL E 155 19.12 18.65 -46.39
N SER E 156 19.60 19.84 -46.04
CA SER E 156 19.77 20.23 -44.65
C SER E 156 19.07 21.57 -44.41
N ILE E 157 18.22 21.62 -43.39
CA ILE E 157 17.46 22.80 -43.03
C ILE E 157 17.78 23.16 -41.58
N SER E 158 17.98 24.44 -41.33
CA SER E 158 18.44 24.91 -40.03
C SER E 158 17.44 25.88 -39.41
N CYS E 159 17.46 25.95 -38.08
CA CYS E 159 16.66 26.88 -37.30
C CYS E 159 17.54 27.51 -36.23
N ARG E 160 17.16 28.70 -35.79
CA ARG E 160 17.91 29.41 -34.77
C ARG E 160 16.95 30.05 -33.79
N SER E 161 17.27 29.94 -32.50
CA SER E 161 16.43 30.44 -31.43
C SER E 161 17.12 31.58 -30.69
N SER E 162 16.30 32.46 -30.11
CA SER E 162 16.83 33.62 -29.39
C SER E 162 17.39 33.24 -28.03
N LYS E 163 16.84 32.22 -27.38
CA LYS E 163 17.29 31.79 -26.06
C LYS E 163 17.48 30.29 -26.07
N SER E 164 18.40 29.82 -25.22
CA SER E 164 18.70 28.39 -25.16
C SER E 164 17.47 27.60 -24.74
N LEU E 165 17.23 26.49 -25.46
CA LEU E 165 16.10 25.62 -25.19
C LEU E 165 16.48 24.41 -24.35
N LEU E 166 17.71 24.36 -23.86
CA LEU E 166 18.18 23.24 -23.06
C LEU E 166 17.87 23.52 -21.59
N HIS E 167 17.03 22.68 -21.01
CA HIS E 167 16.66 22.82 -19.61
C HIS E 167 17.61 22.00 -18.73
N SER E 168 17.63 22.35 -17.44
CA SER E 168 18.56 21.72 -16.51
C SER E 168 18.30 20.23 -16.34
N ASN E 169 17.13 19.74 -16.73
CA ASN E 169 16.80 18.34 -16.58
C ASN E 169 17.35 17.45 -17.69
N GLY E 170 18.02 18.04 -18.68
CA GLY E 170 18.61 17.29 -19.77
C GLY E 170 17.80 17.26 -21.05
N ASN E 171 16.59 17.79 -21.03
CA ASN E 171 15.71 17.77 -22.20
C ASN E 171 15.81 19.09 -22.94
N THR E 172 15.74 19.02 -24.27
CA THR E 172 15.69 20.20 -25.13
C THR E 172 14.38 20.17 -25.91
N TYR E 173 13.64 21.28 -25.84
CA TYR E 173 12.25 21.32 -26.31
C TYR E 173 12.20 21.98 -27.69
N LEU E 174 12.48 21.20 -28.72
CA LEU E 174 12.34 21.62 -30.11
C LEU E 174 11.54 20.59 -30.89
N TYR E 175 10.58 21.06 -31.69
CA TYR E 175 9.69 20.19 -32.43
C TYR E 175 9.73 20.54 -33.92
N TRP E 176 9.54 19.53 -34.76
CA TRP E 176 9.59 19.69 -36.20
C TRP E 176 8.29 19.18 -36.82
N PHE E 177 7.81 19.91 -37.81
CA PHE E 177 6.57 19.58 -38.49
C PHE E 177 6.76 19.70 -39.99
N LEU E 178 6.01 18.90 -40.74
CA LEU E 178 6.01 18.94 -42.20
C LEU E 178 4.59 19.13 -42.69
N GLN E 179 4.39 20.10 -43.59
CA GLN E 179 3.07 20.42 -44.13
C GLN E 179 3.11 20.23 -45.64
N ARG E 180 2.52 19.14 -46.11
CA ARG E 180 2.40 18.89 -47.54
C ARG E 180 1.26 19.73 -48.11
N PRO E 181 1.31 20.01 -49.42
CA PRO E 181 0.21 20.76 -50.04
C PRO E 181 -1.13 20.05 -49.88
N GLY E 182 -2.10 20.79 -49.34
CA GLY E 182 -3.43 20.24 -49.12
C GLY E 182 -3.56 19.33 -47.93
N GLN E 183 -2.53 19.23 -47.09
CA GLN E 183 -2.55 18.34 -45.93
C GLN E 183 -2.20 19.11 -44.66
N SER E 184 -2.59 18.53 -43.53
CA SER E 184 -2.31 19.08 -42.22
C SER E 184 -0.85 18.83 -41.84
N PRO E 185 -0.30 19.63 -40.94
CA PRO E 185 1.06 19.38 -40.46
C PRO E 185 1.17 18.02 -39.78
N GLN E 186 2.31 17.37 -39.98
CA GLN E 186 2.58 16.04 -39.43
C GLN E 186 3.88 16.09 -38.63
N LEU E 187 3.87 15.45 -37.47
CA LEU E 187 5.03 15.47 -36.59
C LEU E 187 6.11 14.55 -37.13
N LEU E 188 7.35 15.04 -37.11
CA LEU E 188 8.50 14.26 -37.54
C LEU E 188 9.46 13.97 -36.39
N ILE E 189 9.89 15.00 -35.66
CA ILE E 189 10.86 14.85 -34.58
C ILE E 189 10.36 15.65 -33.38
N TYR E 190 10.39 15.03 -32.20
CA TYR E 190 10.14 15.70 -30.95
C TYR E 190 11.34 15.53 -30.03
N ARG E 191 11.68 16.59 -29.30
CA ARG E 191 12.85 16.63 -28.41
C ARG E 191 14.15 16.39 -29.17
N MET E 192 14.18 16.82 -30.43
CA MET E 192 15.40 16.99 -31.23
C MET E 192 16.09 15.71 -31.68
N SER E 193 15.69 14.55 -31.15
CA SER E 193 16.36 13.33 -31.56
C SER E 193 15.40 12.14 -31.70
N ASN E 194 14.14 12.34 -31.38
CA ASN E 194 13.18 11.25 -31.32
C ASN E 194 12.35 11.21 -32.59
N LEU E 195 12.39 10.08 -33.30
CA LEU E 195 11.61 9.92 -34.51
C LEU E 195 10.19 9.48 -34.17
N ALA E 196 9.21 10.17 -34.77
CA ALA E 196 7.81 9.88 -34.49
C ALA E 196 7.39 8.55 -35.12
N SER E 197 6.36 7.94 -34.53
CA SER E 197 5.86 6.67 -35.04
C SER E 197 5.25 6.86 -36.42
N GLY E 198 5.54 5.91 -37.32
CA GLY E 198 5.05 5.96 -38.68
C GLY E 198 5.95 6.68 -39.66
N VAL E 199 7.04 7.28 -39.19
CA VAL E 199 7.95 8.04 -40.05
C VAL E 199 9.07 7.12 -40.53
N PRO E 200 9.43 7.17 -41.81
CA PRO E 200 10.59 6.40 -42.27
C PRO E 200 11.88 6.94 -41.66
N ASP E 201 12.88 6.06 -41.62
CA ASP E 201 14.15 6.35 -40.95
C ASP E 201 15.07 7.25 -41.77
N ARG E 202 14.57 7.86 -42.84
CA ARG E 202 15.38 8.77 -43.64
C ARG E 202 15.53 10.14 -43.00
N PHE E 203 14.71 10.47 -42.01
CA PHE E 203 14.75 11.77 -41.33
C PHE E 203 15.58 11.67 -40.06
N SER E 204 16.36 12.72 -39.79
CA SER E 204 17.16 12.78 -38.58
C SER E 204 17.39 14.25 -38.23
N GLY E 205 17.77 14.48 -36.98
CA GLY E 205 17.99 15.84 -36.51
C GLY E 205 19.01 15.87 -35.40
N SER E 206 19.65 17.03 -35.26
CA SER E 206 20.68 17.21 -34.25
C SER E 206 20.88 18.70 -34.03
N GLY E 207 21.63 19.01 -32.98
CA GLY E 207 21.92 20.40 -32.65
C GLY E 207 22.31 20.53 -31.19
N SER E 208 22.64 21.77 -30.82
CA SER E 208 23.04 22.07 -29.46
C SER E 208 22.91 23.56 -29.22
N GLY E 209 22.43 23.93 -28.03
CA GLY E 209 22.29 25.31 -27.66
C GLY E 209 21.19 26.03 -28.41
N THR E 210 21.57 26.99 -29.27
CA THR E 210 20.62 27.80 -30.02
C THR E 210 20.67 27.53 -31.51
N ALA E 211 21.35 26.47 -31.95
CA ALA E 211 21.47 26.15 -33.36
C ALA E 211 21.00 24.72 -33.58
N PHE E 212 20.13 24.52 -34.58
CA PHE E 212 19.53 23.22 -34.82
C PHE E 212 19.50 22.96 -36.33
N THR E 213 19.54 21.67 -36.69
CA THR E 213 19.54 21.26 -38.08
C THR E 213 18.63 20.06 -38.26
N LEU E 214 18.07 19.93 -39.47
CA LEU E 214 17.30 18.77 -39.89
C LEU E 214 17.92 18.19 -41.16
N THR E 215 18.10 16.88 -41.19
CA THR E 215 18.77 16.20 -42.28
C THR E 215 17.86 15.13 -42.88
N ILE E 216 17.79 15.10 -44.21
CA ILE E 216 17.08 14.06 -44.95
C ILE E 216 18.10 13.35 -45.83
N SER E 217 18.20 12.03 -45.67
CA SER E 217 19.25 11.28 -46.36
C SER E 217 18.96 11.15 -47.84
N ARG E 218 17.71 10.84 -48.20
CA ARG E 218 17.36 10.62 -49.60
C ARG E 218 15.94 11.14 -49.84
N LEU E 219 15.80 12.07 -50.77
CA LEU E 219 14.51 12.69 -51.04
C LEU E 219 13.68 11.83 -51.97
N GLU E 220 12.36 11.91 -51.79
CA GLU E 220 11.39 11.24 -52.64
C GLU E 220 10.36 12.27 -53.11
N ALA E 221 9.35 11.79 -53.85
CA ALA E 221 8.29 12.67 -54.31
C ALA E 221 7.38 13.15 -53.18
N GLU E 222 7.40 12.47 -52.03
CA GLU E 222 6.54 12.82 -50.91
C GLU E 222 7.22 13.74 -49.91
N ASP E 223 8.45 14.18 -50.16
CA ASP E 223 9.19 15.04 -49.25
C ASP E 223 9.13 16.50 -49.64
N VAL E 224 8.04 16.94 -50.27
CA VAL E 224 7.88 18.32 -50.70
C VAL E 224 6.90 19.02 -49.77
N GLY E 225 7.30 20.16 -49.22
CA GLY E 225 6.45 20.91 -48.33
C GLY E 225 7.25 21.96 -47.60
N VAL E 226 6.62 22.50 -46.55
CA VAL E 226 7.21 23.55 -45.72
C VAL E 226 7.51 22.95 -44.34
N TYR E 227 8.71 23.20 -43.84
CA TYR E 227 9.15 22.70 -42.54
C TYR E 227 9.17 23.83 -41.52
N TYR E 228 8.65 23.54 -40.32
CA TYR E 228 8.49 24.53 -39.27
C TYR E 228 9.23 24.11 -38.00
N CYS E 229 9.67 25.11 -37.24
CA CYS E 229 10.29 24.89 -35.94
C CYS E 229 9.42 25.48 -34.84
N MET E 230 9.35 24.78 -33.71
CA MET E 230 8.53 25.20 -32.58
C MET E 230 9.25 24.90 -31.27
N GLN E 231 9.11 25.80 -30.30
CA GLN E 231 9.65 25.60 -28.96
C GLN E 231 8.53 25.46 -27.95
N HIS E 232 8.82 24.73 -26.87
CA HIS E 232 7.85 24.42 -25.83
C HIS E 232 8.46 24.64 -24.44
N LEU E 233 9.26 25.69 -24.29
CA LEU E 233 9.86 25.99 -22.99
C LEU E 233 8.93 26.77 -22.09
N GLU E 234 8.43 27.92 -22.58
CA GLU E 234 7.53 28.76 -21.81
C GLU E 234 6.41 29.25 -22.72
N TYR E 235 5.25 29.49 -22.12
CA TYR E 235 4.18 30.04 -22.92
C TYR E 235 4.38 31.54 -23.11
N PRO E 236 3.92 32.13 -24.23
CA PRO E 236 3.22 31.48 -25.35
C PRO E 236 4.14 30.66 -26.26
N LEU E 237 3.56 29.67 -26.94
CA LEU E 237 4.30 28.87 -27.90
C LEU E 237 4.55 29.66 -29.18
N THR E 238 5.74 29.49 -29.75
CA THR E 238 6.16 30.25 -30.92
C THR E 238 6.54 29.31 -32.05
N PHE E 239 6.27 29.75 -33.28
CA PHE E 239 6.60 29.00 -34.48
C PHE E 239 7.57 29.80 -35.34
N GLY E 240 8.26 29.09 -36.23
CA GLY E 240 9.18 29.72 -37.15
C GLY E 240 8.50 30.25 -38.39
N ALA E 241 9.30 30.87 -39.26
CA ALA E 241 8.77 31.41 -40.50
C ALA E 241 8.42 30.31 -41.49
N GLY E 242 9.25 29.29 -41.56
CA GLY E 242 8.98 28.17 -42.46
C GLY E 242 9.94 28.18 -43.64
N THR E 243 10.45 27.00 -43.97
CA THR E 243 11.38 26.80 -45.08
C THR E 243 10.72 25.88 -46.10
N LYS E 244 10.61 26.34 -47.34
CA LYS E 244 9.96 25.59 -48.40
C LYS E 244 11.00 24.85 -49.23
N LEU E 245 10.78 23.55 -49.44
CA LEU E 245 11.66 22.71 -50.24
C LEU E 245 10.95 22.41 -51.56
N GLU E 246 11.53 22.89 -52.66
CA GLU E 246 10.93 22.75 -53.99
C GLU E 246 11.76 21.76 -54.80
N LEU E 247 11.16 20.64 -55.16
CA LEU E 247 11.82 19.61 -55.94
C LEU E 247 11.76 19.95 -57.43
C10 T4U F . -15.14 27.21 36.14
C11 T4U F . -13.23 27.56 37.59
C01 T4U F . -12.94 29.78 39.09
C02 T4U F . -13.22 25.79 35.96
C03 T4U F . -14.49 26.14 35.54
C04 T4U F . -11.16 26.02 37.41
C05 T4U F . -10.19 26.99 38.08
C06 T4U F . -14.53 27.91 37.16
C07 T4U F . -11.79 27.53 39.84
C08 T4U F . -12.52 28.33 38.73
C09 T4U F . -12.57 26.51 36.99
N13 T4U F . -10.43 27.22 39.48
CL12 T4U F . -16.77 27.67 35.60
H012 T4U F . -13.16 30.33 38.18
H013 T4U F . -13.83 29.74 39.71
H011 T4U F . -12.15 30.27 39.62
H021 T4U F . -12.72 24.96 35.48
H031 T4U F . -14.97 25.60 34.74
H042 T4U F . -11.28 25.17 38.06
H041 T4U F . -10.66 25.68 36.50
H052 T4U F . -9.22 26.51 38.02
H051 T4U F . -10.15 27.93 37.53
H061 T4U F . -15.08 28.74 37.60
H072 T4U F . -12.33 26.62 40.03
H071 T4U F . -11.78 28.12 40.75
H081 T4U F . -13.40 28.05 39.29
H131 T4U F . -9.83 27.97 39.80
C1 CLR G . -21.72 9.31 12.40
C2 CLR G . -22.11 8.29 11.31
C3 CLR G . -21.03 7.30 10.98
C4 CLR G . -19.66 7.85 11.32
C5 CLR G . -19.51 8.21 12.78
C6 CLR G . -18.35 8.08 13.40
C7 CLR G . -17.89 9.01 14.48
C8 CLR G . -19.04 9.60 15.27
C9 CLR G . -20.19 10.02 14.32
C10 CLR G . -20.72 8.81 13.49
C11 CLR G . -21.27 10.84 15.05
C12 CLR G . -20.72 12.00 15.88
C13 CLR G . -19.66 11.56 16.90
C14 CLR G . -18.58 10.81 16.08
C15 CLR G . -17.43 10.63 17.08
C16 CLR G . -17.45 11.95 17.86
C17 CLR G . -18.77 12.69 17.52
C18 CLR G . -20.30 10.70 18.02
C19 CLR G . -21.38 7.71 14.34
C20 CLR G . -19.27 13.57 18.68
C21 CLR G . -20.68 14.12 18.48
C22 CLR G . -18.32 14.75 18.91
C23 CLR G . -18.29 15.32 20.31
C24 CLR G . -18.73 16.76 20.39
C25 CLR G . -18.85 17.33 21.80
C26 CLR G . -20.24 17.09 22.38
C27 CLR G . -18.52 18.81 21.83
O1 CLR G . -21.26 6.07 11.68
H11 CLR G . -21.34 10.09 11.97
H12 CLR G . -22.55 9.59 12.84
H21 CLR G . -22.90 7.80 11.62
H22 CLR G . -22.35 8.78 10.51
H3 CLR G . -21.05 7.13 10.01
H41 CLR G . -19.49 8.65 10.77
H42 CLR G . -18.98 7.18 11.08
H6 CLR G . -17.79 7.36 13.17
H71 CLR G . -17.36 9.73 14.07
H72 CLR G . -17.30 8.51 15.09
H8 CLR G . -19.36 8.91 15.90
H9 CLR G . -19.78 10.63 13.68
H111 CLR G . -21.80 10.26 15.63
H112 CLR G . -21.88 11.21 14.38
H121 CLR G . -21.46 12.43 16.35
H122 CLR G . -20.32 12.66 15.28
H14 CLR G . -18.26 11.46 15.42
H151 CLR G . -16.59 10.51 16.60
H152 CLR G . -17.58 9.87 17.65
H161 CLR G . -16.68 12.50 17.61
H162 CLR G . -17.39 11.77 18.82
H17 CLR G . -18.56 13.31 16.78
H181 CLR G . -20.39 9.78 17.73
H182 CLR G . -21.18 11.05 18.23
H183 CLR G . -19.75 10.72 18.82
H191 CLR G . -20.84 6.90 14.29
H192 CLR G . -22.27 7.52 14.03
H193 CLR G . -21.42 7.98 15.27
H20 CLR G . -19.27 13.02 19.49
H211 CLR G . -20.78 14.46 17.58
H212 CLR G . -20.85 14.83 19.12
H213 CLR G . -21.34 13.41 18.63
H221 CLR G . -18.56 15.47 18.29
H222 CLR G . -17.40 14.48 18.70
H231 CLR G . -17.37 15.26 20.66
H232 CLR G . -18.86 14.78 20.89
H241 CLR G . -19.61 16.84 19.95
H242 CLR G . -18.10 17.31 19.89
H25 CLR G . -18.20 16.86 22.37
H261 CLR G . -20.22 17.22 23.34
H262 CLR G . -20.52 16.18 22.19
H263 CLR G . -20.87 17.71 21.98
H271 CLR G . -18.77 19.19 22.69
H272 CLR G . -19.01 19.27 21.13
H273 CLR G . -17.57 18.93 21.69
H1 CLR G . -20.74 5.47 11.40
#